data_4XB7
#
_entry.id   4XB7
#
_cell.length_a   100.212
_cell.length_b   100.212
_cell.length_c   351.761
_cell.angle_alpha   90.00
_cell.angle_beta   90.00
_cell.angle_gamma   90.00
#
_symmetry.space_group_name_H-M   'P 41 21 2'
#
loop_
_entity.id
_entity.type
_entity.pdbx_description
1 polymer 'Down syndrome cell adhesion molecule, isoform 4.4'
2 branched beta-D-mannopyranose-(1-4)-2-acetamido-2-deoxy-beta-D-glucopyranose-(1-4)-2-acetamido-2-deoxy-beta-D-glucopyranose
3 branched 2-acetamido-2-deoxy-beta-D-glucopyranose-(1-4)-2-acetamido-2-deoxy-beta-D-glucopyranose
#
_entity_poly.entity_id   1
_entity_poly.type   'polypeptide(L)'
_entity_poly.pdbx_seq_one_letter_code
;GGADQKGPVFLKEPTNRIDFSNSTGAEIECKASGNPMPEIIWIRSDGTAVGDVPGLRQISSDGKLVFPPFRAEDYRQEVH
AQVYACLARNQFGSIISRDVHVRAVVQQFYESEVNNEYVIRGNAAVLKCSIPSFVADFVQVVSWQDEEGQLYGSLGDQQG
TDGKYLVLPSGELHIREVGPEDGYKSYQCRTKHRLTGETRLSATKGRLVITEPVGSVSPQLSGNGNQEHITLTRVPKMGS
VTLMCPAQAYPVPFFRWYKFIEGTTRKQAVVLNDRVKQVSGTLIIKDAVVEDSGKYLCVVNNSVGGESVETVLTVTAPLS
AKIDPPTQTVDFGRPAVFTCQYTGNPIKTVSWMKDGKAIGHSEPVLRIESVKKEDKGMYQCFVRNDQESAEASAELKLGG
;
_entity_poly.pdbx_strand_id   A,B
#
# COMPACT_ATOMS: atom_id res chain seq x y z
N GLN A 5 31.68 -45.66 8.19
CA GLN A 5 31.08 -46.17 6.93
C GLN A 5 30.16 -45.12 6.27
N LYS A 6 29.50 -44.30 7.08
CA LYS A 6 28.59 -43.28 6.56
C LYS A 6 28.53 -42.04 7.46
N GLY A 7 28.39 -40.86 6.84
CA GLY A 7 28.32 -39.61 7.58
C GLY A 7 26.92 -39.33 8.11
N PRO A 8 26.78 -38.23 8.87
CA PRO A 8 25.51 -37.84 9.49
C PRO A 8 24.50 -37.25 8.50
N VAL A 9 23.22 -37.52 8.74
CA VAL A 9 22.13 -36.92 7.97
C VAL A 9 20.90 -36.79 8.86
N PHE A 10 20.17 -35.69 8.71
CA PHE A 10 19.00 -35.45 9.54
C PHE A 10 17.81 -36.29 9.09
N LEU A 11 17.29 -37.13 9.99
CA LEU A 11 16.05 -37.86 9.72
C LEU A 11 14.85 -36.97 10.00
N LYS A 12 14.91 -36.22 11.09
CA LYS A 12 13.86 -35.25 11.43
C LYS A 12 14.46 -33.91 11.84
N GLU A 13 14.19 -32.88 11.06
CA GLU A 13 14.64 -31.52 11.35
C GLU A 13 13.59 -30.78 12.18
N PRO A 14 14.02 -29.85 13.04
CA PRO A 14 13.05 -28.98 13.72
C PRO A 14 12.34 -28.03 12.74
N THR A 15 11.12 -27.63 13.08
CA THR A 15 10.33 -26.77 12.20
C THR A 15 10.85 -25.33 12.20
N ASN A 16 10.52 -24.60 11.15
CA ASN A 16 10.94 -23.22 10.99
C ASN A 16 10.50 -22.30 12.14
N ARG A 17 9.21 -22.31 12.43
CA ARG A 17 8.64 -21.38 13.40
C ARG A 17 7.90 -22.11 14.51
N ILE A 18 8.31 -21.84 15.75
CA ILE A 18 7.61 -22.34 16.93
C ILE A 18 7.15 -21.17 17.79
N ASP A 19 5.83 -20.99 17.84
CA ASP A 19 5.23 -19.96 18.68
C ASP A 19 4.39 -20.64 19.75
N PHE A 20 4.63 -20.28 21.01
CA PHE A 20 3.93 -20.91 22.13
C PHE A 20 3.73 -19.94 23.28
N SER A 21 2.63 -20.14 24.00
CA SER A 21 2.31 -19.30 25.15
C SER A 21 3.12 -19.74 26.37
N ASN A 22 3.35 -18.81 27.28
CA ASN A 22 4.08 -19.10 28.51
C ASN A 22 3.38 -20.19 29.29
N SER A 23 2.05 -20.24 29.18
CA SER A 23 1.27 -21.27 29.82
C SER A 23 1.43 -22.61 29.09
N THR A 24 1.66 -22.54 27.79
CA THR A 24 1.68 -23.73 26.95
C THR A 24 3.00 -24.50 27.00
N GLY A 25 4.12 -23.79 26.95
CA GLY A 25 5.42 -24.43 26.81
C GLY A 25 5.62 -24.95 25.40
N ALA A 26 6.76 -25.58 25.14
CA ALA A 26 7.06 -26.09 23.80
C ALA A 26 8.08 -27.22 23.81
N GLU A 27 8.13 -27.95 22.71
CA GLU A 27 9.08 -29.04 22.53
C GLU A 27 9.59 -29.07 21.09
N ILE A 28 10.90 -29.26 20.93
CA ILE A 28 11.54 -29.25 19.61
C ILE A 28 12.44 -30.46 19.43
N GLU A 29 12.09 -31.32 18.46
CA GLU A 29 12.81 -32.57 18.22
C GLU A 29 13.88 -32.44 17.15
N CYS A 30 15.05 -33.02 17.41
CA CYS A 30 16.11 -33.13 16.41
C CYS A 30 16.73 -34.52 16.46
N LYS A 31 16.68 -35.24 15.34
CA LYS A 31 17.31 -36.55 15.25
C LYS A 31 17.99 -36.74 13.90
N ALA A 32 19.25 -37.15 13.94
CA ALA A 32 20.04 -37.45 12.75
C ALA A 32 20.66 -38.83 12.88
N SER A 33 20.84 -39.51 11.75
CA SER A 33 21.42 -40.86 11.75
C SER A 33 22.75 -40.92 11.00
N GLY A 34 23.37 -42.10 11.05
CA GLY A 34 24.67 -42.32 10.44
C GLY A 34 25.42 -43.34 11.28
N ASN A 35 26.67 -43.61 10.94
CA ASN A 35 27.51 -44.43 11.81
C ASN A 35 28.97 -43.94 11.82
N PRO A 36 29.63 -43.99 12.99
CA PRO A 36 29.05 -44.31 14.29
C PRO A 36 28.10 -43.19 14.69
N MET A 37 27.20 -43.41 15.66
CA MET A 37 26.12 -42.47 15.90
C MET A 37 26.58 -41.02 16.04
N PRO A 38 25.84 -40.08 15.41
CA PRO A 38 26.19 -38.66 15.56
C PRO A 38 25.87 -38.19 16.97
N GLU A 39 26.55 -37.15 17.45
CA GLU A 39 26.10 -36.51 18.67
C GLU A 39 24.92 -35.63 18.26
N ILE A 40 24.24 -35.03 19.24
CA ILE A 40 23.20 -34.06 18.94
C ILE A 40 23.44 -32.84 19.82
N ILE A 41 23.84 -31.74 19.20
CA ILE A 41 24.22 -30.53 19.92
C ILE A 41 23.32 -29.39 19.50
N TRP A 42 22.73 -28.72 20.48
CA TRP A 42 21.88 -27.58 20.21
C TRP A 42 22.73 -26.31 20.18
N ILE A 43 22.57 -25.53 19.11
CA ILE A 43 23.38 -24.35 18.86
C ILE A 43 22.50 -23.13 18.62
N ARG A 44 23.00 -21.96 19.04
CA ARG A 44 22.26 -20.71 18.92
C ARG A 44 22.36 -20.17 17.49
N SER A 45 21.67 -19.06 17.21
CA SER A 45 21.69 -18.45 15.88
C SER A 45 23.11 -18.23 15.35
N ASP A 46 23.99 -17.79 16.24
CA ASP A 46 25.36 -17.43 15.87
C ASP A 46 26.29 -18.65 15.92
N GLY A 47 26.40 -19.27 17.08
CA GLY A 47 27.45 -20.22 17.36
C GLY A 47 27.42 -20.62 18.83
N THR A 48 28.58 -20.98 19.36
CA THR A 48 28.68 -21.44 20.75
C THR A 48 27.87 -22.74 20.91
N ALA A 49 26.97 -22.78 21.89
CA ALA A 49 26.20 -23.99 22.18
C ALA A 49 25.17 -23.73 23.26
N VAL A 50 24.27 -24.69 23.43
CA VAL A 50 23.12 -24.55 24.31
C VAL A 50 23.29 -25.22 25.66
N GLY A 51 23.15 -24.44 26.73
CA GLY A 51 23.15 -24.96 28.08
C GLY A 51 21.75 -25.12 28.64
N ASP A 52 21.63 -25.92 29.70
CA ASP A 52 20.37 -26.05 30.43
C ASP A 52 20.27 -24.95 31.48
N VAL A 53 19.15 -24.24 31.49
CA VAL A 53 18.91 -23.17 32.44
C VAL A 53 17.60 -23.51 33.18
N PRO A 54 17.72 -24.14 34.37
CA PRO A 54 16.59 -24.84 35.01
C PRO A 54 15.32 -24.01 35.12
N GLY A 55 14.18 -24.65 34.82
CA GLY A 55 12.89 -23.99 34.86
C GLY A 55 12.52 -23.32 33.55
N LEU A 56 13.51 -23.19 32.67
CA LEU A 56 13.34 -22.50 31.39
C LEU A 56 13.70 -23.41 30.21
N ARG A 57 14.94 -23.89 30.18
CA ARG A 57 15.40 -24.76 29.11
C ARG A 57 15.97 -26.08 29.62
N GLN A 58 15.53 -27.18 29.02
CA GLN A 58 16.00 -28.52 29.39
C GLN A 58 16.09 -29.41 28.15
N ILE A 59 16.99 -30.39 28.19
CA ILE A 59 17.13 -31.36 27.11
C ILE A 59 16.77 -32.76 27.61
N SER A 60 15.77 -33.37 26.99
CA SER A 60 15.31 -34.70 27.37
C SER A 60 15.95 -35.79 26.51
N SER A 61 15.48 -37.02 26.69
CA SER A 61 15.94 -38.15 25.90
C SER A 61 15.49 -38.01 24.45
N ASP A 62 16.16 -38.74 23.55
CA ASP A 62 15.89 -38.69 22.11
C ASP A 62 16.52 -37.46 21.48
N GLY A 63 17.12 -36.60 22.30
CA GLY A 63 17.79 -35.40 21.83
C GLY A 63 16.86 -34.23 21.65
N LYS A 64 15.74 -34.26 22.37
CA LYS A 64 14.72 -33.22 22.23
C LYS A 64 14.96 -32.07 23.20
N LEU A 65 14.95 -30.85 22.67
CA LEU A 65 15.06 -29.64 23.48
C LEU A 65 13.67 -29.13 23.83
N VAL A 66 13.40 -28.98 25.12
CA VAL A 66 12.08 -28.60 25.59
C VAL A 66 12.11 -27.31 26.41
N PHE A 67 11.12 -26.46 26.19
CA PHE A 67 10.91 -25.28 27.03
C PHE A 67 9.64 -25.49 27.86
N PRO A 68 9.80 -25.77 29.16
CA PRO A 68 8.59 -25.95 29.97
C PRO A 68 7.82 -24.64 30.16
N PRO A 69 6.53 -24.74 30.51
CA PRO A 69 5.74 -23.54 30.80
C PRO A 69 6.30 -22.78 31.99
N PHE A 70 6.20 -21.45 31.96
CA PHE A 70 6.79 -20.59 32.97
C PHE A 70 5.89 -19.40 33.25
N ARG A 71 5.98 -18.86 34.47
CA ARG A 71 5.22 -17.67 34.81
C ARG A 71 5.94 -16.42 34.31
N ALA A 72 5.15 -15.39 34.00
CA ALA A 72 5.61 -14.21 33.30
C ALA A 72 6.86 -13.56 33.91
N GLU A 73 6.99 -13.65 35.22
CA GLU A 73 8.11 -13.01 35.92
C GLU A 73 9.47 -13.57 35.48
N ASP A 74 9.47 -14.81 34.98
CA ASP A 74 10.71 -15.50 34.67
C ASP A 74 11.14 -15.37 33.20
N TYR A 75 10.39 -14.60 32.41
CA TYR A 75 10.69 -14.45 30.98
C TYR A 75 12.07 -13.83 30.75
N ARG A 76 12.79 -14.39 29.78
CA ARG A 76 14.08 -13.85 29.35
C ARG A 76 14.17 -13.82 27.83
N GLN A 77 14.58 -12.68 27.28
CA GLN A 77 14.62 -12.50 25.84
C GLN A 77 15.67 -13.38 25.17
N GLU A 78 16.86 -13.45 25.78
CA GLU A 78 17.95 -14.23 25.24
C GLU A 78 17.61 -15.73 25.23
N VAL A 79 16.57 -16.09 25.95
CA VAL A 79 16.10 -17.47 26.01
C VAL A 79 14.93 -17.70 25.06
N HIS A 80 13.84 -16.99 25.34
CA HIS A 80 12.56 -17.26 24.69
C HIS A 80 12.42 -16.67 23.29
N ALA A 81 13.10 -15.55 23.01
CA ALA A 81 13.00 -14.90 21.72
C ALA A 81 14.13 -15.33 20.77
N GLN A 82 14.97 -16.25 21.22
CA GLN A 82 16.17 -16.62 20.47
C GLN A 82 15.85 -17.50 19.27
N VAL A 83 16.78 -17.53 18.31
CA VAL A 83 16.68 -18.37 17.13
C VAL A 83 17.73 -19.49 17.23
N TYR A 84 17.27 -20.73 17.29
CA TYR A 84 18.16 -21.86 17.55
C TYR A 84 18.49 -22.70 16.31
N ALA A 85 19.35 -23.69 16.52
CA ALA A 85 19.73 -24.63 15.48
C ALA A 85 20.19 -25.94 16.12
N CYS A 86 20.10 -27.03 15.37
CA CYS A 86 20.56 -28.33 15.85
C CYS A 86 21.80 -28.80 15.09
N LEU A 87 22.76 -29.35 15.83
CA LEU A 87 24.02 -29.82 15.25
C LEU A 87 24.21 -31.31 15.48
N ALA A 88 24.54 -32.03 14.41
CA ALA A 88 24.83 -33.45 14.49
C ALA A 88 26.18 -33.72 13.82
N ARG A 89 27.07 -34.39 14.55
CA ARG A 89 28.41 -34.63 14.04
C ARG A 89 29.02 -35.94 14.53
N ASN A 90 29.81 -36.57 13.66
CA ASN A 90 30.65 -37.70 14.02
C ASN A 90 32.04 -37.50 13.43
N GLN A 91 32.88 -38.52 13.51
CA GLN A 91 34.26 -38.43 13.04
C GLN A 91 34.39 -37.96 11.60
N PHE A 92 33.35 -38.18 10.79
CA PHE A 92 33.40 -37.83 9.37
C PHE A 92 33.15 -36.34 9.12
N GLY A 93 32.27 -35.73 9.90
CA GLY A 93 31.97 -34.32 9.74
C GLY A 93 30.81 -33.85 10.58
N SER A 94 30.42 -32.59 10.40
CA SER A 94 29.33 -31.98 11.16
C SER A 94 28.29 -31.38 10.24
N ILE A 95 27.03 -31.39 10.68
CA ILE A 95 25.94 -30.77 9.93
C ILE A 95 25.02 -29.97 10.85
N ILE A 96 24.73 -28.74 10.46
CA ILE A 96 23.79 -27.89 11.19
C ILE A 96 22.42 -27.94 10.52
N SER A 97 21.37 -28.03 11.33
CA SER A 97 20.02 -28.08 10.81
C SER A 97 19.59 -26.68 10.35
N ARG A 98 18.40 -26.58 9.80
CA ARG A 98 17.87 -25.29 9.38
C ARG A 98 17.60 -24.40 10.58
N ASP A 99 17.55 -23.10 10.34
CA ASP A 99 17.36 -22.12 11.40
C ASP A 99 16.00 -22.30 12.07
N VAL A 100 16.01 -22.42 13.39
CA VAL A 100 14.77 -22.55 14.17
C VAL A 100 14.49 -21.27 14.97
N HIS A 101 13.45 -20.55 14.57
CA HIS A 101 13.08 -19.31 15.24
C HIS A 101 12.06 -19.60 16.34
N VAL A 102 12.44 -19.32 17.58
CA VAL A 102 11.56 -19.53 18.73
C VAL A 102 11.10 -18.19 19.29
N ARG A 103 9.79 -18.02 19.37
CA ARG A 103 9.21 -16.85 20.02
C ARG A 103 8.14 -17.28 21.01
N ALA A 104 8.39 -17.02 22.30
CA ALA A 104 7.38 -17.24 23.32
C ALA A 104 6.59 -15.97 23.55
N VAL A 105 5.28 -16.12 23.70
CA VAL A 105 4.40 -14.98 23.94
C VAL A 105 3.68 -15.15 25.26
N VAL A 106 4.01 -14.31 26.23
CA VAL A 106 3.37 -14.38 27.53
C VAL A 106 1.92 -13.96 27.38
N GLN A 107 1.01 -14.73 27.98
CA GLN A 107 -0.42 -14.48 27.85
C GLN A 107 -0.80 -13.12 28.45
N GLN A 108 -1.46 -12.29 27.64
CA GLN A 108 -1.86 -10.95 28.06
C GLN A 108 -3.28 -10.65 27.58
N PHE A 109 -3.91 -9.67 28.21
CA PHE A 109 -5.25 -9.25 27.80
C PHE A 109 -5.17 -8.43 26.52
N TYR A 110 -6.20 -8.56 25.69
CA TYR A 110 -6.35 -7.72 24.50
C TYR A 110 -7.82 -7.64 24.12
N GLU A 111 -8.18 -6.59 23.38
CA GLU A 111 -9.55 -6.42 22.92
C GLU A 111 -9.57 -6.19 21.42
N SER A 112 -10.49 -6.87 20.74
CA SER A 112 -10.68 -6.68 19.31
C SER A 112 -11.89 -5.77 19.06
N GLU A 113 -11.73 -4.87 18.10
CA GLU A 113 -12.73 -3.86 17.80
C GLU A 113 -13.12 -3.92 16.33
N VAL A 114 -14.40 -3.74 16.03
CA VAL A 114 -14.85 -3.57 14.65
C VAL A 114 -15.35 -2.14 14.46
N ASN A 115 -14.54 -1.34 13.77
CA ASN A 115 -14.86 0.06 13.52
C ASN A 115 -15.80 0.20 12.32
N ASN A 116 -16.57 1.28 12.31
CA ASN A 116 -17.52 1.54 11.24
C ASN A 116 -16.84 1.93 9.93
N GLU A 117 -17.52 1.68 8.82
CA GLU A 117 -17.08 2.16 7.51
C GLU A 117 -18.21 2.92 6.83
N TYR A 118 -17.84 3.99 6.13
CA TYR A 118 -18.80 4.86 5.47
C TYR A 118 -19.02 4.46 4.02
N VAL A 119 -20.28 4.34 3.63
CA VAL A 119 -20.63 3.90 2.29
C VAL A 119 -21.89 4.57 1.75
N ILE A 120 -21.92 4.78 0.44
CA ILE A 120 -23.09 5.29 -0.24
C ILE A 120 -24.08 4.14 -0.42
N ARG A 121 -25.37 4.43 -0.52
CA ARG A 121 -26.37 3.38 -0.69
C ARG A 121 -26.05 2.55 -1.92
N GLY A 122 -26.26 1.25 -1.82
CA GLY A 122 -25.95 0.33 -2.90
C GLY A 122 -24.48 -0.04 -2.90
N ASN A 123 -23.97 -0.43 -4.06
CA ASN A 123 -22.58 -0.80 -4.20
C ASN A 123 -22.23 -1.96 -3.26
N ALA A 124 -21.08 -1.88 -2.59
CA ALA A 124 -20.67 -2.90 -1.65
C ALA A 124 -19.93 -2.27 -0.48
N ALA A 125 -20.16 -2.82 0.71
CA ALA A 125 -19.48 -2.38 1.93
C ALA A 125 -18.69 -3.53 2.51
N VAL A 126 -17.58 -3.21 3.14
CA VAL A 126 -16.74 -4.21 3.77
C VAL A 126 -16.30 -3.73 5.16
N LEU A 127 -16.57 -4.54 6.19
CA LEU A 127 -16.22 -4.22 7.56
C LEU A 127 -15.09 -5.11 8.05
N LYS A 128 -14.04 -4.48 8.60
CA LYS A 128 -12.89 -5.22 9.11
C LYS A 128 -12.86 -5.17 10.63
N CYS A 129 -12.51 -6.30 11.24
CA CYS A 129 -12.28 -6.37 12.68
C CYS A 129 -10.87 -5.86 12.99
N SER A 130 -10.79 -4.82 13.82
CA SER A 130 -9.51 -4.20 14.14
C SER A 130 -8.86 -4.90 15.32
N ILE A 131 -7.76 -5.58 15.01
CA ILE A 131 -7.00 -6.37 15.96
C ILE A 131 -5.67 -5.70 16.27
N PRO A 132 -5.31 -5.56 17.56
CA PRO A 132 -4.01 -4.97 17.88
C PRO A 132 -2.89 -5.64 17.10
N SER A 133 -2.02 -4.84 16.49
CA SER A 133 -1.05 -5.33 15.53
C SER A 133 -0.05 -6.31 16.11
N PHE A 134 0.37 -6.08 17.35
CA PHE A 134 1.42 -6.88 17.96
C PHE A 134 0.92 -8.29 18.31
N VAL A 135 -0.39 -8.42 18.50
CA VAL A 135 -1.00 -9.73 18.74
C VAL A 135 -1.46 -10.36 17.43
N ALA A 136 -1.43 -9.58 16.36
CA ALA A 136 -2.13 -9.91 15.12
C ALA A 136 -1.83 -11.29 14.57
N ASP A 137 -0.61 -11.77 14.74
CA ASP A 137 -0.21 -13.06 14.16
C ASP A 137 -0.71 -14.24 14.98
N PHE A 138 -1.04 -14.00 16.25
CA PHE A 138 -1.49 -15.07 17.15
C PHE A 138 -3.01 -15.25 17.14
N VAL A 139 -3.71 -14.34 16.47
CA VAL A 139 -5.17 -14.32 16.49
C VAL A 139 -5.78 -14.29 15.09
N GLN A 140 -6.84 -15.06 14.91
CA GLN A 140 -7.54 -15.15 13.63
C GLN A 140 -9.04 -14.96 13.83
N VAL A 141 -9.68 -14.31 12.87
CA VAL A 141 -11.13 -14.18 12.88
C VAL A 141 -11.78 -15.50 12.50
N VAL A 142 -12.76 -15.93 13.28
CA VAL A 142 -13.45 -17.20 13.02
C VAL A 142 -14.78 -16.91 12.31
N SER A 143 -15.66 -16.12 12.94
CA SER A 143 -16.96 -15.83 12.36
C SER A 143 -17.42 -14.41 12.67
N TRP A 144 -18.59 -14.06 12.13
CA TRP A 144 -19.23 -12.76 12.39
C TRP A 144 -20.65 -13.01 12.89
N GLN A 145 -21.15 -12.10 13.71
CA GLN A 145 -22.46 -12.26 14.33
C GLN A 145 -23.26 -10.97 14.32
N ASP A 146 -24.48 -11.03 13.81
CA ASP A 146 -25.37 -9.87 13.74
C ASP A 146 -26.23 -9.78 14.99
N GLU A 147 -27.13 -8.79 15.03
CA GLU A 147 -27.94 -8.56 16.22
C GLU A 147 -28.89 -9.72 16.49
N GLU A 148 -29.33 -10.39 15.43
CA GLU A 148 -30.22 -11.54 15.58
C GLU A 148 -29.44 -12.82 15.86
N GLY A 149 -28.12 -12.75 15.71
CA GLY A 149 -27.24 -13.85 16.11
C GLY A 149 -26.77 -14.75 14.99
N GLN A 150 -27.11 -14.43 13.75
CA GLN A 150 -26.72 -15.25 12.61
C GLN A 150 -25.21 -15.33 12.44
N LEU A 151 -24.69 -16.54 12.23
CA LEU A 151 -23.28 -16.74 11.95
C LEU A 151 -23.06 -16.86 10.45
N TYR A 152 -22.44 -15.84 9.86
CA TYR A 152 -22.21 -15.83 8.41
C TYR A 152 -20.95 -16.60 8.00
N GLY A 153 -20.00 -16.73 8.92
CA GLY A 153 -18.70 -17.31 8.62
C GLY A 153 -18.42 -18.67 9.25
N SER A 154 -19.42 -19.29 9.87
CA SER A 154 -19.19 -20.46 10.70
C SER A 154 -19.29 -21.80 9.97
N LEU A 155 -19.76 -21.78 8.72
CA LEU A 155 -19.95 -23.03 7.97
C LEU A 155 -18.95 -23.21 6.84
N GLY A 156 -18.31 -24.38 6.82
CA GLY A 156 -17.43 -24.76 5.75
C GLY A 156 -16.08 -24.07 5.81
N ASP A 157 -15.11 -24.65 5.13
CA ASP A 157 -13.81 -24.01 4.95
C ASP A 157 -13.85 -23.12 3.70
N GLN A 158 -14.97 -23.18 2.98
CA GLN A 158 -15.22 -22.32 1.83
C GLN A 158 -16.66 -21.84 1.85
N GLN A 159 -16.86 -20.57 1.55
CA GLN A 159 -18.17 -19.92 1.69
C GLN A 159 -18.83 -19.68 0.34
N GLY A 160 -20.16 -19.75 0.32
CA GLY A 160 -20.93 -19.42 -0.87
C GLY A 160 -20.86 -17.94 -1.19
N THR A 161 -20.49 -17.61 -2.43
CA THR A 161 -20.23 -16.23 -2.82
C THR A 161 -21.43 -15.52 -3.45
N ASP A 162 -22.53 -16.23 -3.62
CA ASP A 162 -23.69 -15.67 -4.33
C ASP A 162 -24.73 -15.06 -3.40
N GLY A 163 -24.48 -15.11 -2.10
CA GLY A 163 -25.40 -14.54 -1.13
C GLY A 163 -25.11 -13.07 -0.87
N LYS A 164 -25.93 -12.44 -0.04
CA LYS A 164 -25.71 -11.04 0.32
C LYS A 164 -24.49 -10.89 1.22
N TYR A 165 -24.39 -11.77 2.22
CA TYR A 165 -23.29 -11.74 3.17
C TYR A 165 -22.23 -12.79 2.83
N LEU A 166 -20.97 -12.38 2.84
CA LEU A 166 -19.85 -13.30 2.68
C LEU A 166 -18.70 -12.93 3.61
N VAL A 167 -18.23 -13.90 4.40
CA VAL A 167 -17.06 -13.72 5.22
C VAL A 167 -15.83 -14.17 4.44
N LEU A 168 -14.95 -13.22 4.13
CA LEU A 168 -13.78 -13.49 3.31
C LEU A 168 -12.73 -14.29 4.07
N PRO A 169 -11.88 -15.03 3.35
CA PRO A 169 -10.84 -15.84 3.99
C PRO A 169 -9.81 -15.01 4.76
N SER A 170 -9.81 -13.71 4.51
CA SER A 170 -8.94 -12.79 5.23
C SER A 170 -9.52 -12.46 6.60
N GLY A 171 -10.71 -12.98 6.88
CA GLY A 171 -11.39 -12.74 8.14
C GLY A 171 -12.33 -11.55 8.05
N GLU A 172 -12.25 -10.84 6.93
CA GLU A 172 -13.04 -9.64 6.72
C GLU A 172 -14.44 -9.98 6.19
N LEU A 173 -15.43 -9.19 6.60
CA LEU A 173 -16.82 -9.41 6.20
C LEU A 173 -17.21 -8.55 5.01
N HIS A 174 -17.63 -9.18 3.92
CA HIS A 174 -18.06 -8.48 2.71
C HIS A 174 -19.57 -8.50 2.57
N ILE A 175 -20.15 -7.36 2.22
CA ILE A 175 -21.60 -7.25 2.04
C ILE A 175 -21.93 -6.61 0.69
N ARG A 176 -22.59 -7.38 -0.18
CA ARG A 176 -23.12 -6.85 -1.43
C ARG A 176 -24.31 -5.93 -1.16
N GLU A 177 -24.53 -4.98 -2.07
CA GLU A 177 -25.80 -4.25 -2.15
C GLU A 177 -26.28 -3.75 -0.78
N VAL A 178 -25.60 -2.75 -0.24
CA VAL A 178 -26.03 -2.17 1.02
C VAL A 178 -27.31 -1.39 0.84
N GLY A 179 -28.34 -1.79 1.59
CA GLY A 179 -29.62 -1.11 1.56
C GLY A 179 -29.73 -0.16 2.73
N PRO A 180 -30.72 0.75 2.69
CA PRO A 180 -30.87 1.74 3.75
C PRO A 180 -31.36 1.11 5.06
N GLU A 181 -31.98 -0.05 4.94
CA GLU A 181 -32.59 -0.72 6.09
C GLU A 181 -31.57 -1.47 6.94
N ASP A 182 -30.54 -2.03 6.30
CA ASP A 182 -29.57 -2.85 7.00
C ASP A 182 -28.65 -2.04 7.91
N GLY A 183 -28.74 -0.72 7.81
CA GLY A 183 -27.93 0.16 8.63
C GLY A 183 -28.28 0.07 10.10
N TYR A 184 -29.45 -0.47 10.39
CA TYR A 184 -29.91 -0.62 11.77
C TYR A 184 -29.33 -1.89 12.41
N LYS A 185 -28.61 -2.66 11.61
CA LYS A 185 -27.97 -3.89 12.10
C LYS A 185 -26.54 -3.61 12.54
N SER A 186 -26.13 -4.27 13.62
CA SER A 186 -24.74 -4.17 14.10
C SER A 186 -24.09 -5.55 14.10
N TYR A 187 -22.78 -5.57 13.87
CA TYR A 187 -22.04 -6.82 13.73
C TYR A 187 -20.88 -6.91 14.71
N GLN A 188 -20.58 -8.14 15.13
CA GLN A 188 -19.43 -8.42 15.99
C GLN A 188 -18.61 -9.55 15.38
N CYS A 189 -17.28 -9.43 15.47
CA CYS A 189 -16.38 -10.48 14.99
C CYS A 189 -15.83 -11.29 16.16
N ARG A 190 -15.84 -12.60 16.00
CA ARG A 190 -15.29 -13.50 17.02
C ARG A 190 -13.86 -13.88 16.63
N THR A 191 -12.95 -13.77 17.60
CA THR A 191 -11.55 -14.10 17.38
C THR A 191 -11.12 -15.19 18.34
N LYS A 192 -10.13 -15.98 17.93
CA LYS A 192 -9.61 -17.06 18.77
C LYS A 192 -8.09 -17.04 18.81
N HIS A 193 -7.53 -17.11 20.01
CA HIS A 193 -6.09 -17.20 20.21
C HIS A 193 -5.62 -18.63 19.89
N ARG A 194 -4.71 -18.75 18.94
CA ARG A 194 -4.29 -20.07 18.46
C ARG A 194 -3.52 -20.86 19.51
N LEU A 195 -2.97 -20.16 20.49
CA LEU A 195 -2.16 -20.77 21.53
C LEU A 195 -3.01 -21.09 22.77
N THR A 196 -3.53 -20.06 23.40
CA THR A 196 -4.38 -20.24 24.58
C THR A 196 -5.63 -21.06 24.24
N GLY A 197 -6.18 -20.83 23.05
CA GLY A 197 -7.40 -21.49 22.63
C GLY A 197 -8.64 -20.70 23.05
N GLU A 198 -8.41 -19.56 23.70
CA GLU A 198 -9.50 -18.71 24.17
C GLU A 198 -10.19 -18.00 23.01
N THR A 199 -11.52 -17.91 23.09
CA THR A 199 -12.30 -17.14 22.12
C THR A 199 -12.94 -15.95 22.81
N ARG A 200 -13.02 -14.82 22.11
CA ARG A 200 -13.65 -13.63 22.66
C ARG A 200 -14.33 -12.83 21.56
N LEU A 201 -15.49 -12.26 21.90
CA LEU A 201 -16.23 -11.42 20.97
C LEU A 201 -15.60 -10.04 20.89
N SER A 202 -15.81 -9.36 19.77
CA SER A 202 -15.32 -8.00 19.61
C SER A 202 -15.91 -7.11 20.68
N ALA A 203 -15.16 -6.10 21.11
CA ALA A 203 -15.61 -5.21 22.17
C ALA A 203 -16.70 -4.28 21.66
N THR A 204 -16.34 -3.38 20.75
CA THR A 204 -17.31 -2.48 20.15
C THR A 204 -18.12 -3.20 19.07
N LYS A 205 -19.29 -2.68 18.77
CA LYS A 205 -20.15 -3.22 17.73
C LYS A 205 -20.13 -2.32 16.52
N GLY A 206 -19.77 -2.87 15.36
CA GLY A 206 -19.67 -2.10 14.14
C GLY A 206 -21.03 -1.88 13.49
N ARG A 207 -21.16 -0.78 12.75
CA ARG A 207 -22.41 -0.45 12.08
C ARG A 207 -22.12 0.29 10.77
N LEU A 208 -23.06 0.20 9.83
CA LEU A 208 -22.92 0.86 8.54
C LEU A 208 -23.56 2.25 8.56
N VAL A 209 -22.75 3.27 8.28
CA VAL A 209 -23.25 4.63 8.12
C VAL A 209 -23.51 4.88 6.65
N ILE A 210 -24.78 5.02 6.29
CA ILE A 210 -25.20 5.05 4.89
C ILE A 210 -25.52 6.47 4.44
N THR A 211 -24.83 6.91 3.40
CA THR A 211 -25.03 8.24 2.82
C THR A 211 -25.91 8.13 1.57
N GLU A 212 -26.96 8.94 1.51
CA GLU A 212 -27.88 8.91 0.38
C GLU A 212 -27.27 9.63 -0.83
N PRO A 213 -27.25 8.97 -2.00
CA PRO A 213 -26.66 9.60 -3.18
C PRO A 213 -27.54 10.71 -3.75
N VAL A 214 -27.53 11.86 -3.10
CA VAL A 214 -28.27 13.03 -3.56
C VAL A 214 -27.47 13.75 -4.64
N GLY A 215 -26.24 13.29 -4.87
CA GLY A 215 -25.43 13.80 -5.96
C GLY A 215 -24.43 12.76 -6.43
N SER A 216 -24.01 12.86 -7.69
CA SER A 216 -23.08 11.91 -8.28
C SER A 216 -21.64 12.20 -7.88
N VAL A 217 -20.81 11.17 -7.87
CA VAL A 217 -19.39 11.32 -7.53
C VAL A 217 -18.55 10.25 -8.24
N SER A 218 -17.32 10.62 -8.58
CA SER A 218 -16.40 9.69 -9.25
C SER A 218 -16.01 8.56 -8.29
N PRO A 219 -15.25 7.56 -8.78
CA PRO A 219 -14.75 6.59 -7.81
C PRO A 219 -13.78 7.19 -6.81
N GLN A 220 -14.01 6.89 -5.54
CA GLN A 220 -13.22 7.44 -4.45
C GLN A 220 -12.57 6.31 -3.64
N LEU A 221 -11.25 6.31 -3.59
CA LEU A 221 -10.52 5.26 -2.87
C LEU A 221 -10.42 5.60 -1.39
N SER A 222 -9.83 4.70 -0.62
CA SER A 222 -9.73 4.87 0.83
C SER A 222 -8.77 6.00 1.20
N GLY A 223 -7.87 6.33 0.28
CA GLY A 223 -6.90 7.38 0.52
C GLY A 223 -7.54 8.75 0.49
N ASN A 224 -6.78 9.75 0.95
CA ASN A 224 -7.25 11.13 1.04
C ASN A 224 -6.18 12.12 0.63
N GLY A 225 -6.54 13.03 -0.28
CA GLY A 225 -5.62 14.08 -0.70
C GLY A 225 -4.40 13.52 -1.40
N ASN A 226 -4.64 12.81 -2.50
CA ASN A 226 -3.59 12.12 -3.22
C ASN A 226 -2.91 11.08 -2.35
N GLN A 227 -3.67 10.04 -2.00
CA GLN A 227 -3.10 8.89 -1.35
C GLN A 227 -3.54 7.63 -2.08
N GLU A 228 -2.61 6.94 -2.73
CA GLU A 228 -2.88 5.62 -3.27
C GLU A 228 -2.23 4.59 -2.36
N HIS A 229 -2.50 3.31 -2.63
CA HIS A 229 -1.90 2.22 -1.88
C HIS A 229 -1.67 1.03 -2.80
N ILE A 230 -0.48 0.43 -2.70
CA ILE A 230 -0.22 -0.82 -3.39
C ILE A 230 -0.07 -1.92 -2.36
N THR A 231 -1.04 -2.82 -2.31
CA THR A 231 -1.06 -3.88 -1.33
C THR A 231 -0.39 -5.13 -1.90
N LEU A 232 0.77 -5.48 -1.37
CA LEU A 232 1.49 -6.68 -1.78
C LEU A 232 1.27 -7.79 -0.77
N THR A 233 0.57 -8.83 -1.20
CA THR A 233 0.13 -9.89 -0.32
C THR A 233 0.74 -11.23 -0.72
N ARG A 234 0.92 -12.12 0.24
CA ARG A 234 1.43 -13.45 -0.04
C ARG A 234 0.60 -14.50 0.69
N VAL A 235 0.37 -15.62 0.02
CA VAL A 235 -0.43 -16.72 0.56
C VAL A 235 0.16 -18.07 0.13
N PRO A 236 0.12 -19.08 1.01
CA PRO A 236 0.66 -20.39 0.64
C PRO A 236 -0.16 -21.14 -0.40
N LYS A 237 0.43 -22.15 -1.02
CA LYS A 237 -0.27 -22.95 -2.02
C LYS A 237 -1.47 -23.65 -1.39
N MET A 238 -2.46 -23.95 -2.21
CA MET A 238 -3.68 -24.64 -1.79
C MET A 238 -4.56 -23.77 -0.88
N GLY A 239 -4.08 -22.58 -0.53
CA GLY A 239 -4.86 -21.65 0.28
C GLY A 239 -5.76 -20.79 -0.57
N SER A 240 -6.35 -19.76 0.02
CA SER A 240 -7.25 -18.86 -0.70
C SER A 240 -6.89 -17.39 -0.50
N VAL A 241 -6.48 -16.75 -1.59
CA VAL A 241 -6.17 -15.33 -1.59
C VAL A 241 -7.43 -14.49 -1.71
N THR A 242 -7.38 -13.26 -1.19
CA THR A 242 -8.40 -12.26 -1.46
C THR A 242 -7.75 -10.96 -1.91
N LEU A 243 -8.18 -10.46 -3.06
CA LEU A 243 -7.69 -9.19 -3.58
C LEU A 243 -8.70 -8.08 -3.28
N MET A 244 -8.24 -7.02 -2.64
CA MET A 244 -9.11 -5.92 -2.25
C MET A 244 -9.03 -4.78 -3.27
N CYS A 245 -10.19 -4.21 -3.56
CA CYS A 245 -10.30 -3.05 -4.44
C CYS A 245 -11.36 -2.11 -3.87
N PRO A 246 -11.10 -1.54 -2.69
CA PRO A 246 -12.09 -0.71 -1.99
C PRO A 246 -12.40 0.60 -2.73
N ALA A 247 -13.69 0.89 -2.90
CA ALA A 247 -14.09 2.12 -3.56
C ALA A 247 -15.53 2.50 -3.20
N GLN A 248 -15.87 3.76 -3.42
CA GLN A 248 -17.23 4.26 -3.24
C GLN A 248 -17.54 5.27 -4.35
N ALA A 249 -18.74 5.19 -4.91
CA ALA A 249 -19.13 6.12 -5.95
C ALA A 249 -20.63 6.13 -6.19
N TYR A 250 -21.07 7.04 -7.06
CA TYR A 250 -22.41 7.01 -7.60
C TYR A 250 -22.39 7.52 -9.05
N PRO A 251 -23.17 6.90 -9.95
CA PRO A 251 -23.94 5.65 -9.77
C PRO A 251 -23.00 4.49 -9.49
N VAL A 252 -23.52 3.41 -8.92
CA VAL A 252 -22.71 2.27 -8.53
C VAL A 252 -21.87 1.77 -9.72
N PRO A 253 -20.55 1.70 -9.55
CA PRO A 253 -19.69 1.35 -10.70
C PRO A 253 -19.56 -0.15 -10.91
N PHE A 254 -18.82 -0.53 -11.96
CA PHE A 254 -18.52 -1.93 -12.23
C PHE A 254 -17.01 -2.14 -12.15
N PHE A 255 -16.61 -3.27 -11.56
CA PHE A 255 -15.21 -3.56 -11.31
C PHE A 255 -14.69 -4.64 -12.26
N ARG A 256 -13.80 -4.25 -13.17
CA ARG A 256 -13.14 -5.19 -14.06
C ARG A 256 -11.72 -5.45 -13.59
N TRP A 257 -11.39 -6.72 -13.38
CA TRP A 257 -10.06 -7.11 -12.92
C TRP A 257 -9.15 -7.50 -14.08
N TYR A 258 -7.87 -7.14 -13.96
CA TYR A 258 -6.87 -7.46 -14.98
C TYR A 258 -5.61 -8.02 -14.32
N LYS A 259 -4.75 -8.62 -15.14
CA LYS A 259 -3.48 -9.18 -14.67
C LYS A 259 -2.31 -8.78 -15.56
N PHE A 260 -1.29 -8.16 -14.96
CA PHE A 260 -0.04 -7.91 -15.67
C PHE A 260 0.74 -9.21 -15.79
N ILE A 261 1.87 -9.16 -16.49
CA ILE A 261 2.76 -10.31 -16.56
C ILE A 261 4.21 -9.83 -16.53
N GLU A 262 5.15 -10.77 -16.60
CA GLU A 262 6.56 -10.47 -16.43
C GLU A 262 7.07 -9.41 -17.41
N GLY A 263 7.65 -8.34 -16.87
CA GLY A 263 8.27 -7.30 -17.65
C GLY A 263 7.39 -6.68 -18.73
N THR A 264 6.11 -6.51 -18.44
CA THR A 264 5.17 -5.90 -19.38
C THR A 264 4.55 -4.63 -18.83
N THR A 265 4.27 -3.70 -19.73
CA THR A 265 3.55 -2.48 -19.40
C THR A 265 2.04 -2.67 -19.63
N ARG A 266 1.68 -3.85 -20.13
CA ARG A 266 0.29 -4.14 -20.53
C ARG A 266 -0.33 -5.19 -19.62
N LYS A 267 -1.57 -5.56 -19.94
CA LYS A 267 -2.33 -6.50 -19.13
C LYS A 267 -3.28 -7.32 -19.99
N GLN A 268 -4.04 -8.20 -19.34
CA GLN A 268 -5.11 -8.94 -20.01
C GLN A 268 -6.21 -9.27 -19.03
N ALA A 269 -7.40 -9.57 -19.54
CA ALA A 269 -8.55 -9.87 -18.70
C ALA A 269 -8.33 -11.16 -17.93
N VAL A 270 -9.04 -11.30 -16.82
CA VAL A 270 -8.86 -12.43 -15.92
C VAL A 270 -9.96 -13.48 -16.10
N VAL A 271 -9.61 -14.75 -15.93
CA VAL A 271 -10.56 -15.83 -16.07
C VAL A 271 -11.42 -15.94 -14.80
N LEU A 272 -12.74 -16.00 -14.99
CA LEU A 272 -13.70 -15.89 -13.90
C LEU A 272 -14.20 -17.23 -13.36
N ASN A 273 -13.57 -18.34 -13.76
CA ASN A 273 -14.15 -19.67 -13.58
C ASN A 273 -14.31 -20.12 -12.13
N ASP A 274 -14.86 -21.31 -11.94
CA ASP A 274 -15.26 -21.78 -10.62
C ASP A 274 -14.11 -21.86 -9.63
N ARG A 275 -12.89 -22.01 -10.13
CA ARG A 275 -11.70 -22.02 -9.28
C ARG A 275 -11.48 -20.64 -8.68
N VAL A 276 -11.53 -19.60 -9.53
CA VAL A 276 -11.34 -18.23 -9.08
C VAL A 276 -12.62 -17.41 -9.26
N LYS A 277 -13.30 -17.16 -8.14
CA LYS A 277 -14.53 -16.36 -8.13
C LYS A 277 -14.25 -14.86 -8.09
N GLN A 278 -15.21 -14.08 -8.57
CA GLN A 278 -15.21 -12.63 -8.34
C GLN A 278 -16.52 -12.21 -7.71
N VAL A 279 -16.44 -11.30 -6.74
CA VAL A 279 -17.62 -10.73 -6.10
C VAL A 279 -17.53 -9.22 -6.06
N SER A 280 -18.42 -8.56 -6.78
CA SER A 280 -18.51 -7.10 -6.78
C SER A 280 -17.13 -6.48 -7.03
N GLY A 281 -16.63 -5.73 -6.05
CA GLY A 281 -15.32 -5.09 -6.15
C GLY A 281 -14.22 -5.88 -5.47
N THR A 282 -14.42 -7.18 -5.32
CA THR A 282 -13.42 -8.04 -4.68
C THR A 282 -13.24 -9.36 -5.41
N LEU A 283 -11.99 -9.76 -5.60
CA LEU A 283 -11.66 -11.00 -6.30
C LEU A 283 -11.10 -12.04 -5.33
N ILE A 284 -11.68 -13.24 -5.38
CA ILE A 284 -11.24 -14.38 -4.58
C ILE A 284 -10.60 -15.44 -5.46
N ILE A 285 -9.45 -15.98 -5.04
CA ILE A 285 -8.83 -17.10 -5.74
C ILE A 285 -8.73 -18.30 -4.82
N LYS A 286 -9.54 -19.32 -5.09
CA LYS A 286 -9.51 -20.56 -4.32
C LYS A 286 -8.40 -21.47 -4.81
N ASP A 287 -7.90 -22.33 -3.92
CA ASP A 287 -6.92 -23.34 -4.28
C ASP A 287 -5.74 -22.72 -5.02
N ALA A 288 -5.13 -21.72 -4.40
CA ALA A 288 -4.05 -20.97 -5.04
C ALA A 288 -2.91 -21.88 -5.46
N VAL A 289 -2.56 -21.81 -6.75
CA VAL A 289 -1.40 -22.50 -7.27
C VAL A 289 -0.25 -21.50 -7.34
N VAL A 290 0.90 -21.93 -7.82
CA VAL A 290 2.08 -21.08 -7.86
C VAL A 290 1.97 -20.04 -8.98
N GLU A 291 1.16 -20.34 -9.99
CA GLU A 291 1.08 -19.50 -11.19
C GLU A 291 0.13 -18.31 -11.03
N ASP A 292 -0.55 -18.22 -9.89
CA ASP A 292 -1.44 -17.09 -9.62
C ASP A 292 -0.64 -15.83 -9.31
N SER A 293 0.68 -15.97 -9.20
CA SER A 293 1.57 -14.86 -8.90
C SER A 293 1.58 -13.84 -10.03
N GLY A 294 2.08 -12.65 -9.74
CA GLY A 294 2.15 -11.56 -10.70
C GLY A 294 1.23 -10.40 -10.39
N LYS A 295 1.55 -9.26 -10.98
CA LYS A 295 0.92 -7.98 -10.70
C LYS A 295 -0.52 -7.92 -11.18
N TYR A 296 -1.44 -7.62 -10.26
CA TYR A 296 -2.86 -7.54 -10.57
C TYR A 296 -3.36 -6.09 -10.58
N LEU A 297 -4.35 -5.82 -11.41
CA LEU A 297 -4.91 -4.47 -11.53
C LEU A 297 -6.43 -4.49 -11.53
N CYS A 298 -7.01 -3.75 -10.60
CA CYS A 298 -8.46 -3.55 -10.54
C CYS A 298 -8.81 -2.18 -11.11
N VAL A 299 -9.81 -2.13 -11.98
CA VAL A 299 -10.22 -0.89 -12.63
C VAL A 299 -11.70 -0.63 -12.39
N VAL A 300 -12.02 0.54 -11.85
CA VAL A 300 -13.38 0.91 -11.49
C VAL A 300 -13.88 2.05 -12.35
N ASN A 301 -14.92 1.81 -13.15
CA ASN A 301 -15.44 2.81 -14.07
C ASN A 301 -16.94 3.03 -13.91
N ASN A 302 -17.36 4.27 -14.16
CA ASN A 302 -18.78 4.60 -14.28
C ASN A 302 -18.94 5.84 -15.16
N SER A 303 -20.16 6.37 -15.23
CA SER A 303 -20.48 7.44 -16.17
C SER A 303 -19.63 8.69 -15.96
N VAL A 304 -19.22 8.95 -14.72
CA VAL A 304 -18.52 10.19 -14.38
C VAL A 304 -17.00 10.09 -14.42
N GLY A 305 -16.48 8.88 -14.64
CA GLY A 305 -15.04 8.68 -14.67
C GLY A 305 -14.62 7.31 -14.19
N GLY A 306 -13.34 7.17 -13.86
CA GLY A 306 -12.83 5.91 -13.35
C GLY A 306 -11.41 5.99 -12.82
N GLU A 307 -11.07 5.03 -11.95
CA GLU A 307 -9.73 4.92 -11.39
C GLU A 307 -9.31 3.47 -11.27
N SER A 308 -8.01 3.25 -11.08
CA SER A 308 -7.45 1.91 -10.95
C SER A 308 -6.67 1.79 -9.65
N VAL A 309 -6.52 0.54 -9.18
CA VAL A 309 -5.72 0.26 -7.99
C VAL A 309 -4.87 -0.99 -8.21
N GLU A 310 -3.63 -0.94 -7.72
CA GLU A 310 -2.65 -1.99 -7.96
C GLU A 310 -2.46 -2.85 -6.72
N THR A 311 -2.48 -4.16 -6.91
CA THR A 311 -2.14 -5.11 -5.85
C THR A 311 -1.35 -6.27 -6.45
N VAL A 312 -0.24 -6.62 -5.82
CA VAL A 312 0.65 -7.68 -6.33
C VAL A 312 0.57 -8.93 -5.46
N LEU A 313 0.72 -10.09 -6.10
CA LEU A 313 0.53 -11.37 -5.44
C LEU A 313 1.74 -12.29 -5.64
N THR A 314 2.23 -12.84 -4.53
CA THR A 314 3.26 -13.88 -4.57
C THR A 314 2.81 -15.08 -3.76
N VAL A 315 2.81 -16.27 -4.38
CA VAL A 315 2.34 -17.48 -3.71
C VAL A 315 3.49 -18.25 -3.09
N THR A 316 3.45 -18.39 -1.76
CA THR A 316 4.49 -19.10 -1.03
C THR A 316 4.41 -20.60 -1.31
N ALA A 317 5.58 -21.21 -1.49
CA ALA A 317 5.69 -22.66 -1.66
C ALA A 317 6.71 -23.19 -0.67
N PRO A 318 6.49 -24.40 -0.13
CA PRO A 318 7.45 -24.95 0.84
C PRO A 318 8.83 -25.14 0.23
N LEU A 319 9.86 -24.66 0.91
CA LEU A 319 11.23 -24.82 0.43
C LEU A 319 11.71 -26.25 0.69
N SER A 320 12.68 -26.69 -0.11
CA SER A 320 13.30 -27.99 0.09
C SER A 320 14.72 -27.98 -0.47
N ALA A 321 15.45 -29.07 -0.27
CA ALA A 321 16.77 -29.21 -0.86
C ALA A 321 17.13 -30.68 -1.04
N LYS A 322 17.86 -30.97 -2.10
CA LYS A 322 18.47 -32.28 -2.27
C LYS A 322 19.84 -32.14 -2.93
N ILE A 323 20.86 -32.69 -2.29
CA ILE A 323 22.19 -32.73 -2.90
C ILE A 323 22.33 -33.99 -3.72
N ASP A 324 23.02 -33.89 -4.86
CA ASP A 324 23.35 -35.07 -5.63
C ASP A 324 24.79 -35.03 -6.11
N PRO A 325 25.51 -36.17 -6.05
CA PRO A 325 25.10 -37.42 -5.40
C PRO A 325 25.18 -37.31 -3.87
N PRO A 326 24.31 -38.03 -3.13
CA PRO A 326 24.34 -37.96 -1.67
C PRO A 326 25.68 -38.38 -1.07
N THR A 327 26.23 -39.49 -1.55
CA THR A 327 27.54 -39.98 -1.13
C THR A 327 28.42 -40.17 -2.35
N GLN A 328 29.53 -39.42 -2.40
CA GLN A 328 30.43 -39.45 -3.54
C GLN A 328 31.82 -39.95 -3.14
N THR A 329 32.42 -40.76 -4.02
CA THR A 329 33.75 -41.29 -3.81
C THR A 329 34.62 -40.95 -5.02
N VAL A 330 35.67 -40.16 -4.78
CA VAL A 330 36.49 -39.63 -5.85
C VAL A 330 37.98 -39.76 -5.50
N ASP A 331 38.81 -39.90 -6.52
CA ASP A 331 40.25 -40.04 -6.32
C ASP A 331 40.90 -38.72 -5.95
N PHE A 332 42.22 -38.74 -5.74
CA PHE A 332 42.95 -37.55 -5.36
C PHE A 332 43.28 -36.69 -6.56
N GLY A 333 42.89 -35.43 -6.51
CA GLY A 333 43.15 -34.49 -7.60
C GLY A 333 42.05 -34.48 -8.64
N ARG A 334 41.21 -35.50 -8.60
CA ARG A 334 40.09 -35.61 -9.54
C ARG A 334 38.91 -34.79 -9.04
N PRO A 335 38.29 -33.97 -9.90
CA PRO A 335 37.18 -33.14 -9.45
C PRO A 335 35.93 -33.96 -9.10
N ALA A 336 35.06 -33.37 -8.29
CA ALA A 336 33.78 -33.97 -7.94
C ALA A 336 32.71 -32.89 -7.88
N VAL A 337 31.48 -33.26 -8.25
CA VAL A 337 30.40 -32.29 -8.42
C VAL A 337 29.26 -32.51 -7.43
N PHE A 338 28.88 -31.45 -6.73
CA PHE A 338 27.67 -31.46 -5.91
C PHE A 338 26.68 -30.45 -6.44
N THR A 339 25.60 -30.97 -7.01
CA THR A 339 24.53 -30.12 -7.54
C THR A 339 23.36 -30.16 -6.58
N CYS A 340 22.90 -28.98 -6.16
CA CYS A 340 21.81 -28.90 -5.19
C CYS A 340 20.50 -28.55 -5.88
N GLN A 341 19.62 -29.54 -6.03
CA GLN A 341 18.28 -29.33 -6.55
C GLN A 341 17.38 -28.87 -5.41
N TYR A 342 16.33 -28.13 -5.74
CA TYR A 342 15.43 -27.62 -4.72
C TYR A 342 14.05 -27.29 -5.31
N THR A 343 13.05 -27.22 -4.43
CA THR A 343 11.70 -26.91 -4.82
C THR A 343 11.06 -25.97 -3.81
N GLY A 344 10.43 -24.90 -4.31
CA GLY A 344 9.78 -23.94 -3.44
C GLY A 344 9.66 -22.58 -4.10
N ASN A 345 9.22 -21.59 -3.32
CA ASN A 345 9.01 -20.24 -3.83
C ASN A 345 8.59 -19.31 -2.71
N PRO A 346 9.17 -18.10 -2.64
CA PRO A 346 10.30 -17.60 -3.42
C PRO A 346 11.63 -18.13 -2.89
N ILE A 347 12.72 -17.84 -3.58
CA ILE A 347 14.06 -18.11 -3.07
C ILE A 347 14.91 -16.85 -3.21
N LYS A 348 15.26 -16.25 -2.08
CA LYS A 348 16.06 -15.03 -2.08
C LYS A 348 17.54 -15.34 -2.28
N THR A 349 18.03 -16.35 -1.56
CA THR A 349 19.45 -16.65 -1.55
C THR A 349 19.71 -18.12 -1.25
N VAL A 350 20.91 -18.57 -1.58
CA VAL A 350 21.35 -19.92 -1.28
C VAL A 350 22.80 -19.87 -0.76
N SER A 351 23.04 -20.60 0.33
CA SER A 351 24.36 -20.63 0.97
C SER A 351 24.98 -22.01 0.88
N TRP A 352 26.20 -22.14 1.39
CA TRP A 352 26.89 -23.42 1.45
C TRP A 352 27.71 -23.53 2.73
N MET A 353 27.90 -24.77 3.19
CA MET A 353 28.67 -25.02 4.39
C MET A 353 29.52 -26.28 4.26
N LYS A 354 30.69 -26.26 4.88
CA LYS A 354 31.55 -27.43 4.97
C LYS A 354 31.79 -27.80 6.41
N ASP A 355 31.27 -28.96 6.82
CA ASP A 355 31.45 -29.48 8.16
C ASP A 355 30.96 -28.48 9.21
N GLY A 356 29.84 -27.82 8.92
CA GLY A 356 29.21 -26.92 9.86
C GLY A 356 29.64 -25.47 9.73
N LYS A 357 30.81 -25.24 9.14
CA LYS A 357 31.31 -23.88 8.93
C LYS A 357 31.04 -23.43 7.51
N ALA A 358 30.57 -22.19 7.38
CA ALA A 358 30.03 -21.70 6.11
C ALA A 358 31.11 -21.22 5.13
N ILE A 359 30.83 -21.41 3.84
CA ILE A 359 31.67 -20.92 2.76
C ILE A 359 30.99 -19.66 2.20
N GLY A 360 31.65 -18.96 1.28
CA GLY A 360 31.11 -17.77 0.68
C GLY A 360 30.54 -17.98 -0.72
N HIS A 361 30.17 -19.23 -1.01
CA HIS A 361 29.69 -19.59 -2.34
C HIS A 361 28.19 -19.39 -2.48
N SER A 362 27.78 -18.49 -3.38
CA SER A 362 26.38 -18.10 -3.52
C SER A 362 25.61 -18.81 -4.63
N GLU A 363 26.27 -19.66 -5.41
CA GLU A 363 25.62 -20.32 -6.54
C GLU A 363 24.96 -21.63 -6.11
N PRO A 364 23.96 -22.09 -6.89
CA PRO A 364 23.25 -23.33 -6.57
C PRO A 364 24.14 -24.57 -6.63
N VAL A 365 25.01 -24.62 -7.64
CA VAL A 365 25.98 -25.70 -7.79
C VAL A 365 27.38 -25.17 -7.54
N LEU A 366 28.24 -26.00 -6.95
CA LEU A 366 29.62 -25.61 -6.72
C LEU A 366 30.57 -26.72 -7.15
N ARG A 367 31.80 -26.34 -7.49
CA ARG A 367 32.79 -27.24 -8.01
C ARG A 367 34.06 -27.21 -7.17
N ILE A 368 34.87 -28.25 -7.31
CA ILE A 368 36.19 -28.30 -6.71
C ILE A 368 37.19 -28.85 -7.73
N GLU A 369 38.21 -28.05 -8.03
CA GLU A 369 39.19 -28.38 -9.06
C GLU A 369 39.86 -29.71 -8.79
N SER A 370 40.69 -29.74 -7.73
CA SER A 370 41.45 -30.92 -7.38
C SER A 370 41.12 -31.33 -5.95
N VAL A 371 40.67 -32.57 -5.78
CA VAL A 371 40.34 -33.08 -4.46
C VAL A 371 41.60 -33.27 -3.63
N LYS A 372 41.60 -32.68 -2.45
CA LYS A 372 42.72 -32.76 -1.52
C LYS A 372 42.26 -33.42 -0.23
N LYS A 373 43.16 -33.51 0.75
CA LYS A 373 42.85 -34.16 2.01
C LYS A 373 41.79 -33.39 2.80
N GLU A 374 41.78 -32.07 2.65
CA GLU A 374 40.87 -31.22 3.41
C GLU A 374 39.45 -31.26 2.85
N ASP A 375 39.29 -31.92 1.71
CA ASP A 375 38.03 -31.89 0.98
C ASP A 375 37.07 -33.01 1.39
N LYS A 376 37.42 -33.78 2.41
CA LYS A 376 36.52 -34.81 2.92
C LYS A 376 35.68 -34.23 4.06
N GLY A 377 34.37 -34.48 4.02
CA GLY A 377 33.48 -34.00 5.06
C GLY A 377 32.02 -33.89 4.62
N MET A 378 31.22 -33.24 5.45
CA MET A 378 29.78 -33.07 5.19
C MET A 378 29.48 -31.69 4.64
N TYR A 379 28.82 -31.65 3.48
CA TYR A 379 28.47 -30.39 2.82
C TYR A 379 26.96 -30.21 2.86
N GLN A 380 26.52 -28.96 2.87
CA GLN A 380 25.09 -28.65 2.96
C GLN A 380 24.68 -27.47 2.10
N CYS A 381 23.59 -27.65 1.35
CA CYS A 381 22.98 -26.59 0.55
C CYS A 381 21.90 -25.91 1.37
N PHE A 382 22.13 -24.65 1.72
CA PHE A 382 21.17 -23.88 2.50
C PHE A 382 20.39 -22.90 1.63
N VAL A 383 19.10 -23.19 1.44
CA VAL A 383 18.21 -22.30 0.70
C VAL A 383 17.24 -21.63 1.65
N ARG A 384 17.26 -20.30 1.67
CA ARG A 384 16.46 -19.54 2.61
C ARG A 384 15.84 -18.30 1.96
N ASN A 385 14.52 -18.15 2.12
CA ASN A 385 13.86 -16.90 1.81
C ASN A 385 13.73 -16.10 3.11
N ASP A 386 13.11 -14.94 3.05
CA ASP A 386 12.99 -14.09 4.23
C ASP A 386 12.15 -14.76 5.33
N GLN A 387 11.11 -15.46 4.92
CA GLN A 387 10.14 -16.01 5.88
C GLN A 387 10.41 -17.45 6.32
N GLU A 388 11.30 -18.16 5.64
CA GLU A 388 11.56 -19.58 5.95
C GLU A 388 12.99 -20.00 5.59
N SER A 389 13.24 -21.31 5.64
CA SER A 389 14.51 -21.89 5.21
C SER A 389 14.46 -23.42 5.31
N ALA A 390 15.35 -24.09 4.58
CA ALA A 390 15.40 -25.55 4.56
C ALA A 390 16.78 -25.99 4.07
N GLU A 391 17.13 -27.25 4.30
CA GLU A 391 18.45 -27.74 3.91
C GLU A 391 18.54 -29.25 3.71
N ALA A 392 19.58 -29.67 2.99
CA ALA A 392 19.95 -31.07 2.85
C ALA A 392 21.46 -31.17 3.01
N SER A 393 22.01 -32.37 2.86
CA SER A 393 23.45 -32.55 2.99
C SER A 393 24.01 -33.61 2.05
N ALA A 394 25.32 -33.79 2.09
CA ALA A 394 26.01 -34.79 1.28
C ALA A 394 27.36 -35.14 1.89
N GLU A 395 27.87 -36.31 1.52
CA GLU A 395 29.16 -36.78 2.01
C GLU A 395 30.14 -36.98 0.86
N LEU A 396 31.41 -36.68 1.12
CA LEU A 396 32.48 -36.89 0.14
C LEU A 396 33.65 -37.61 0.79
N LYS A 397 34.03 -38.74 0.19
CA LYS A 397 35.13 -39.55 0.69
C LYS A 397 36.21 -39.71 -0.39
N LEU A 398 37.42 -40.02 0.04
CA LEU A 398 38.57 -40.08 -0.86
C LEU A 398 39.01 -41.52 -1.10
N GLY A 399 39.53 -41.78 -2.31
CA GLY A 399 40.00 -43.10 -2.66
C GLY A 399 40.77 -43.09 -3.97
N GLN B 5 -5.12 39.31 -39.80
CA GLN B 5 -3.68 39.68 -39.61
C GLN B 5 -3.01 38.81 -38.55
N LYS B 6 -3.82 38.26 -37.64
CA LYS B 6 -3.29 37.47 -36.52
C LYS B 6 -4.27 36.38 -36.09
N GLY B 7 -3.73 35.27 -35.60
CA GLY B 7 -4.54 34.14 -35.19
C GLY B 7 -5.04 34.24 -33.75
N PRO B 8 -5.88 33.29 -33.33
CA PRO B 8 -6.47 33.24 -31.99
C PRO B 8 -5.46 32.90 -30.89
N VAL B 9 -5.67 33.45 -29.70
CA VAL B 9 -4.84 33.14 -28.54
C VAL B 9 -5.61 33.43 -27.26
N PHE B 10 -5.24 32.76 -26.17
CA PHE B 10 -5.88 32.98 -24.87
C PHE B 10 -5.03 33.85 -23.95
N LEU B 11 -5.52 35.03 -23.60
CA LEU B 11 -4.87 35.84 -22.58
C LEU B 11 -5.42 35.53 -21.19
N LYS B 12 -6.54 34.83 -21.15
CA LYS B 12 -7.10 34.34 -19.90
C LYS B 12 -7.68 32.95 -20.09
N GLU B 13 -7.27 32.01 -19.26
CA GLU B 13 -7.72 30.62 -19.35
C GLU B 13 -8.07 30.09 -17.96
N PRO B 14 -9.13 29.25 -17.88
CA PRO B 14 -9.55 28.77 -16.55
C PRO B 14 -8.60 27.79 -15.89
N THR B 15 -8.74 27.63 -14.57
CA THR B 15 -8.01 26.60 -13.83
C THR B 15 -8.71 25.27 -14.05
N ASN B 16 -7.95 24.18 -13.95
CA ASN B 16 -8.48 22.85 -14.24
C ASN B 16 -9.68 22.46 -13.37
N ARG B 17 -9.49 22.47 -12.06
CA ARG B 17 -10.51 21.96 -11.15
C ARG B 17 -11.27 23.11 -10.48
N ILE B 18 -12.60 23.08 -10.64
CA ILE B 18 -13.49 24.02 -9.97
C ILE B 18 -14.55 23.26 -9.20
N ASP B 19 -14.53 23.39 -7.87
CA ASP B 19 -15.45 22.68 -7.00
C ASP B 19 -16.29 23.69 -6.21
N PHE B 20 -17.59 23.41 -6.09
CA PHE B 20 -18.50 24.32 -5.40
C PHE B 20 -19.76 23.62 -4.89
N SER B 21 -20.45 24.30 -3.98
CA SER B 21 -21.66 23.76 -3.37
C SER B 21 -22.91 24.04 -4.20
N ASN B 22 -24.05 23.59 -3.71
CA ASN B 22 -25.33 23.88 -4.36
C ASN B 22 -25.75 25.32 -4.05
N SER B 23 -25.40 25.79 -2.86
CA SER B 23 -25.71 27.14 -2.44
C SER B 23 -24.74 28.16 -3.01
N THR B 24 -23.48 27.75 -3.19
CA THR B 24 -22.43 28.65 -3.61
C THR B 24 -22.51 29.01 -5.09
N GLY B 25 -22.62 28.00 -5.95
CA GLY B 25 -22.53 28.21 -7.39
C GLY B 25 -21.10 28.48 -7.80
N ALA B 26 -20.86 28.61 -9.10
CA ALA B 26 -19.50 28.87 -9.57
C ALA B 26 -19.48 29.51 -10.95
N GLU B 27 -18.33 30.11 -11.29
CA GLU B 27 -18.11 30.72 -12.59
C GLU B 27 -16.74 30.30 -13.12
N ILE B 28 -16.66 30.08 -14.43
CA ILE B 28 -15.38 29.89 -15.10
C ILE B 28 -15.36 30.76 -16.36
N GLU B 29 -14.25 31.47 -16.56
CA GLU B 29 -14.16 32.44 -17.64
C GLU B 29 -12.92 32.18 -18.50
N CYS B 30 -13.12 32.26 -19.81
CA CYS B 30 -12.00 32.35 -20.74
C CYS B 30 -12.13 33.66 -21.49
N LYS B 31 -11.13 33.97 -22.29
CA LYS B 31 -11.20 35.09 -23.22
C LYS B 31 -10.15 34.86 -24.29
N ALA B 32 -10.32 35.50 -25.44
CA ALA B 32 -9.44 35.27 -26.58
C ALA B 32 -9.12 36.55 -27.34
N SER B 33 -7.92 36.57 -27.93
CA SER B 33 -7.45 37.70 -28.72
C SER B 33 -6.90 37.20 -30.04
N GLY B 34 -6.66 38.13 -30.97
CA GLY B 34 -6.31 37.80 -32.32
C GLY B 34 -6.74 38.94 -33.22
N ASN B 35 -7.03 38.63 -34.48
CA ASN B 35 -7.54 39.63 -35.40
C ASN B 35 -7.95 38.99 -36.73
N PRO B 36 -9.20 39.25 -37.19
CA PRO B 36 -10.26 39.90 -36.42
C PRO B 36 -10.62 39.08 -35.17
N MET B 37 -11.52 39.60 -34.35
CA MET B 37 -11.80 38.99 -33.05
C MET B 37 -12.31 37.57 -33.18
N PRO B 38 -11.61 36.59 -32.56
CA PRO B 38 -12.11 35.21 -32.63
C PRO B 38 -13.39 35.02 -31.83
N GLU B 39 -14.30 34.18 -32.32
CA GLU B 39 -15.53 33.88 -31.60
C GLU B 39 -15.24 32.84 -30.52
N ILE B 40 -15.93 32.96 -29.39
CA ILE B 40 -15.68 32.11 -28.23
C ILE B 40 -16.86 31.18 -27.95
N ILE B 41 -16.61 29.87 -28.07
CA ILE B 41 -17.63 28.86 -27.81
C ILE B 41 -17.23 27.97 -26.63
N TRP B 42 -18.21 27.60 -25.81
CA TRP B 42 -17.99 26.63 -24.75
C TRP B 42 -18.38 25.24 -25.24
N ILE B 43 -17.38 24.37 -25.36
CA ILE B 43 -17.57 23.03 -25.90
C ILE B 43 -17.10 21.97 -24.91
N ARG B 44 -17.90 20.93 -24.72
CA ARG B 44 -17.49 19.80 -23.90
C ARG B 44 -16.29 19.11 -24.56
N SER B 45 -15.35 18.64 -23.75
CA SER B 45 -14.25 17.84 -24.27
C SER B 45 -14.82 16.56 -24.89
N ASP B 46 -16.08 16.25 -24.57
CA ASP B 46 -16.81 15.16 -25.18
C ASP B 46 -17.00 15.38 -26.69
N GLY B 47 -16.82 16.62 -27.13
CA GLY B 47 -16.89 16.97 -28.53
C GLY B 47 -18.12 17.76 -28.95
N THR B 48 -19.07 17.92 -28.04
CA THR B 48 -20.31 18.66 -28.33
C THR B 48 -20.36 19.98 -27.58
N ALA B 49 -21.00 20.98 -28.19
CA ALA B 49 -21.12 22.31 -27.59
C ALA B 49 -22.39 22.41 -26.74
N VAL B 50 -22.27 23.09 -25.60
CA VAL B 50 -23.40 23.28 -24.69
C VAL B 50 -23.99 24.67 -24.80
N GLY B 51 -25.32 24.73 -24.66
CA GLY B 51 -26.04 25.99 -24.66
C GLY B 51 -26.50 26.35 -23.27
N ASP B 52 -27.53 27.20 -23.20
CA ASP B 52 -28.02 27.67 -21.91
C ASP B 52 -29.18 26.82 -21.41
N VAL B 53 -28.94 26.07 -20.35
CA VAL B 53 -30.00 25.38 -19.63
C VAL B 53 -30.51 26.30 -18.54
N PRO B 54 -31.81 26.68 -18.58
CA PRO B 54 -32.20 27.78 -17.69
C PRO B 54 -31.98 27.50 -16.20
N GLY B 55 -31.25 28.40 -15.56
CA GLY B 55 -31.05 28.38 -14.13
C GLY B 55 -29.96 27.42 -13.65
N LEU B 56 -29.65 26.43 -14.47
CA LEU B 56 -28.61 25.46 -14.13
C LEU B 56 -27.28 25.79 -14.81
N ARG B 57 -27.30 26.79 -15.69
CA ARG B 57 -26.10 27.25 -16.39
C ARG B 57 -26.49 28.37 -17.34
N GLN B 58 -25.53 29.22 -17.69
CA GLN B 58 -25.77 30.29 -18.65
C GLN B 58 -24.47 31.02 -18.97
N ILE B 59 -24.56 32.04 -19.83
CA ILE B 59 -23.42 32.89 -20.16
C ILE B 59 -23.75 34.34 -19.81
N SER B 60 -22.85 34.99 -19.08
CA SER B 60 -23.07 36.35 -18.63
C SER B 60 -22.81 37.37 -19.74
N SER B 61 -22.81 38.65 -19.37
CA SER B 61 -22.68 39.74 -20.34
C SER B 61 -21.44 39.60 -21.21
N ASP B 62 -20.26 39.56 -20.59
CA ASP B 62 -19.03 39.29 -21.31
C ASP B 62 -18.87 37.79 -21.45
N GLY B 63 -17.84 37.33 -22.16
CA GLY B 63 -17.64 35.90 -22.26
C GLY B 63 -17.23 35.33 -20.92
N LYS B 64 -18.09 34.49 -20.37
CA LYS B 64 -17.77 33.69 -19.18
C LYS B 64 -18.83 32.61 -19.07
N LEU B 65 -18.53 31.54 -18.32
CA LEU B 65 -19.52 30.50 -18.06
C LEU B 65 -19.87 30.46 -16.58
N VAL B 66 -21.16 30.54 -16.28
CA VAL B 66 -21.65 30.64 -14.92
C VAL B 66 -22.61 29.51 -14.58
N PHE B 67 -22.45 28.95 -13.39
CA PHE B 67 -23.38 27.97 -12.85
C PHE B 67 -24.07 28.56 -11.64
N PRO B 68 -25.36 28.92 -11.76
CA PRO B 68 -26.05 29.54 -10.64
C PRO B 68 -26.31 28.57 -9.49
N PRO B 69 -26.58 29.09 -8.29
CA PRO B 69 -26.93 28.23 -7.16
C PRO B 69 -28.28 27.54 -7.38
N PHE B 70 -28.52 26.44 -6.68
CA PHE B 70 -29.74 25.68 -6.87
C PHE B 70 -30.05 24.82 -5.65
N ARG B 71 -31.32 24.45 -5.50
CA ARG B 71 -31.72 23.52 -4.45
C ARG B 71 -31.33 22.10 -4.87
N ALA B 72 -31.20 21.22 -3.88
CA ALA B 72 -30.66 19.88 -4.09
C ALA B 72 -31.33 19.13 -5.24
N GLU B 73 -32.63 19.28 -5.37
CA GLU B 73 -33.40 18.54 -6.38
C GLU B 73 -32.95 18.82 -7.81
N ASP B 74 -32.60 20.07 -8.08
CA ASP B 74 -32.33 20.51 -9.45
C ASP B 74 -31.01 19.95 -10.00
N TYR B 75 -30.24 19.27 -9.16
CA TYR B 75 -28.95 18.72 -9.57
C TYR B 75 -29.09 17.78 -10.77
N ARG B 76 -28.31 18.06 -11.81
CA ARG B 76 -28.26 17.21 -13.00
C ARG B 76 -26.80 16.85 -13.31
N GLN B 77 -26.56 15.57 -13.54
CA GLN B 77 -25.20 15.08 -13.71
C GLN B 77 -24.54 15.61 -14.97
N GLU B 78 -25.29 15.70 -16.06
CA GLU B 78 -24.72 16.01 -17.37
C GLU B 78 -24.22 17.46 -17.44
N VAL B 79 -24.68 18.29 -16.53
CA VAL B 79 -24.23 19.68 -16.43
C VAL B 79 -23.21 19.84 -15.31
N HIS B 80 -23.64 19.53 -14.10
CA HIS B 80 -22.88 19.83 -12.90
C HIS B 80 -21.57 19.06 -12.76
N ALA B 81 -21.55 17.81 -13.20
CA ALA B 81 -20.30 17.06 -13.29
C ALA B 81 -19.97 16.76 -14.75
N GLN B 82 -18.99 17.48 -15.28
CA GLN B 82 -18.61 17.33 -16.68
C GLN B 82 -17.21 17.89 -16.92
N VAL B 83 -16.59 17.49 -18.02
CA VAL B 83 -15.39 18.14 -18.53
C VAL B 83 -15.81 19.16 -19.58
N TYR B 84 -15.23 20.36 -19.50
CA TYR B 84 -15.55 21.45 -20.42
C TYR B 84 -14.29 22.00 -21.04
N ALA B 85 -14.46 22.81 -22.09
CA ALA B 85 -13.33 23.44 -22.76
C ALA B 85 -13.76 24.77 -23.36
N CYS B 86 -12.79 25.65 -23.57
CA CYS B 86 -13.03 26.95 -24.19
C CYS B 86 -12.36 27.00 -25.56
N LEU B 87 -13.12 27.42 -26.57
CA LEU B 87 -12.66 27.37 -27.96
C LEU B 87 -12.71 28.73 -28.64
N ALA B 88 -11.61 29.11 -29.28
CA ALA B 88 -11.52 30.34 -30.06
C ALA B 88 -11.44 30.00 -31.55
N ARG B 89 -12.09 30.80 -32.40
CA ARG B 89 -12.15 30.51 -33.82
C ARG B 89 -12.13 31.77 -34.70
N ASN B 90 -11.39 31.69 -35.79
CA ASN B 90 -11.46 32.69 -36.86
C ASN B 90 -11.04 32.05 -38.18
N GLN B 91 -10.84 32.87 -39.22
CA GLN B 91 -10.56 32.32 -40.55
C GLN B 91 -9.20 31.65 -40.62
N PHE B 92 -8.28 32.03 -39.72
CA PHE B 92 -6.96 31.42 -39.70
C PHE B 92 -7.03 29.97 -39.23
N GLY B 93 -7.66 29.75 -38.09
CA GLY B 93 -7.77 28.42 -37.51
C GLY B 93 -8.48 28.43 -36.17
N SER B 94 -8.30 27.37 -35.40
CA SER B 94 -8.98 27.21 -34.11
C SER B 94 -8.02 26.77 -33.02
N ILE B 95 -8.35 27.10 -31.78
CA ILE B 95 -7.59 26.64 -30.63
C ILE B 95 -8.53 26.36 -29.46
N ILE B 96 -8.07 25.54 -28.52
CA ILE B 96 -8.87 25.14 -27.37
C ILE B 96 -8.08 25.37 -26.09
N SER B 97 -8.79 25.61 -24.98
CA SER B 97 -8.15 25.80 -23.69
C SER B 97 -7.90 24.44 -23.04
N ARG B 98 -7.30 24.44 -21.86
CA ARG B 98 -7.07 23.22 -21.11
C ARG B 98 -8.43 22.61 -20.73
N ASP B 99 -8.45 21.30 -20.52
CA ASP B 99 -9.64 20.65 -20.02
C ASP B 99 -9.94 21.19 -18.63
N VAL B 100 -11.15 21.70 -18.43
CA VAL B 100 -11.57 22.17 -17.12
C VAL B 100 -12.58 21.20 -16.52
N HIS B 101 -12.28 20.71 -15.32
CA HIS B 101 -13.14 19.77 -14.63
C HIS B 101 -13.99 20.52 -13.61
N VAL B 102 -15.30 20.57 -13.87
CA VAL B 102 -16.24 21.20 -12.95
C VAL B 102 -16.96 20.11 -12.16
N ARG B 103 -16.91 20.23 -10.83
CA ARG B 103 -17.54 19.27 -9.95
C ARG B 103 -18.40 20.00 -8.92
N ALA B 104 -19.72 19.82 -9.01
CA ALA B 104 -20.63 20.41 -8.06
C ALA B 104 -21.08 19.36 -7.06
N VAL B 105 -21.07 19.73 -5.78
CA VAL B 105 -21.44 18.82 -4.71
C VAL B 105 -22.48 19.47 -3.81
N VAL B 106 -23.68 18.92 -3.81
CA VAL B 106 -24.77 19.46 -3.00
C VAL B 106 -24.48 19.25 -1.51
N GLN B 107 -24.83 20.24 -0.71
CA GLN B 107 -24.65 20.15 0.74
C GLN B 107 -25.48 19.03 1.33
N GLN B 108 -24.84 18.16 2.10
CA GLN B 108 -25.55 17.13 2.85
C GLN B 108 -24.87 16.88 4.19
N PHE B 109 -25.45 15.97 4.97
CA PHE B 109 -24.94 15.66 6.29
C PHE B 109 -23.91 14.55 6.24
N TYR B 110 -22.86 14.69 7.03
CA TYR B 110 -21.83 13.67 7.17
C TYR B 110 -21.26 13.73 8.58
N GLU B 111 -20.60 12.65 9.00
CA GLU B 111 -19.97 12.60 10.31
C GLU B 111 -18.58 11.99 10.22
N SER B 112 -17.70 12.44 11.10
CA SER B 112 -16.35 11.89 11.21
C SER B 112 -16.22 11.17 12.55
N GLU B 113 -15.35 10.17 12.60
CA GLU B 113 -15.08 9.42 13.82
C GLU B 113 -13.59 9.29 14.08
N VAL B 114 -13.22 9.24 15.35
CA VAL B 114 -11.85 8.93 15.74
C VAL B 114 -11.85 7.57 16.44
N ASN B 115 -11.32 6.57 15.74
CA ASN B 115 -11.29 5.21 16.27
C ASN B 115 -10.12 5.01 17.23
N ASN B 116 -10.28 4.07 18.15
CA ASN B 116 -9.27 3.77 19.15
C ASN B 116 -8.01 3.18 18.50
N GLU B 117 -6.87 3.37 19.16
CA GLU B 117 -5.60 2.85 18.68
C GLU B 117 -4.95 1.95 19.72
N TYR B 118 -4.37 0.86 19.27
CA TYR B 118 -3.68 -0.08 20.15
C TYR B 118 -2.18 0.12 20.09
N VAL B 119 -1.56 0.28 21.26
CA VAL B 119 -0.15 0.63 21.35
C VAL B 119 0.52 -0.04 22.54
N ILE B 120 1.77 -0.45 22.34
CA ILE B 120 2.61 -0.98 23.42
C ILE B 120 3.28 0.18 24.12
N ARG B 121 3.29 0.15 25.46
CA ARG B 121 3.81 1.27 26.24
C ARG B 121 5.24 1.61 25.83
N GLY B 122 5.49 2.91 25.64
CA GLY B 122 6.80 3.40 25.27
C GLY B 122 6.91 3.74 23.79
N ASN B 123 6.06 3.12 22.98
CA ASN B 123 6.02 3.42 21.55
C ASN B 123 5.22 4.68 21.27
N ALA B 124 5.52 5.33 20.14
CA ALA B 124 4.75 6.46 19.68
C ALA B 124 3.45 5.99 19.04
N ALA B 125 2.35 6.66 19.37
CA ALA B 125 1.04 6.30 18.85
C ALA B 125 0.51 7.42 17.93
N VAL B 126 -0.24 7.01 16.92
CA VAL B 126 -0.81 7.94 15.95
C VAL B 126 -2.31 7.73 15.82
N LEU B 127 -3.08 8.74 16.22
CA LEU B 127 -4.53 8.70 16.13
C LEU B 127 -5.00 9.35 14.83
N LYS B 128 -5.96 8.69 14.17
CA LYS B 128 -6.52 9.18 12.92
C LYS B 128 -7.98 9.59 13.09
N CYS B 129 -8.36 10.68 12.42
CA CYS B 129 -9.76 11.06 12.32
C CYS B 129 -10.32 10.47 11.04
N SER B 130 -11.20 9.48 11.17
CA SER B 130 -11.71 8.74 10.02
C SER B 130 -12.88 9.47 9.39
N ILE B 131 -12.70 9.85 8.13
CA ILE B 131 -13.71 10.58 7.37
C ILE B 131 -14.12 9.75 6.16
N PRO B 132 -15.39 9.86 5.74
CA PRO B 132 -15.84 9.14 4.55
C PRO B 132 -14.94 9.40 3.33
N SER B 133 -14.70 8.36 2.54
CA SER B 133 -13.77 8.46 1.42
C SER B 133 -14.23 9.46 0.36
N PHE B 134 -15.54 9.60 0.20
CA PHE B 134 -16.09 10.43 -0.87
C PHE B 134 -16.09 11.92 -0.53
N VAL B 135 -16.04 12.26 0.75
CA VAL B 135 -15.91 13.66 1.15
C VAL B 135 -14.46 14.03 1.41
N ALA B 136 -13.56 13.05 1.28
CA ALA B 136 -12.16 13.24 1.61
C ALA B 136 -11.54 14.38 0.78
N ASP B 137 -11.98 14.51 -0.47
CA ASP B 137 -11.46 15.55 -1.35
C ASP B 137 -11.70 16.95 -0.80
N PHE B 138 -12.74 17.09 0.02
CA PHE B 138 -13.14 18.39 0.54
C PHE B 138 -12.70 18.60 1.99
N VAL B 139 -13.23 17.79 2.89
CA VAL B 139 -12.98 17.98 4.31
C VAL B 139 -11.54 17.66 4.68
N GLN B 140 -10.97 18.46 5.57
CA GLN B 140 -9.65 18.21 6.11
C GLN B 140 -9.62 18.59 7.58
N VAL B 141 -8.76 17.93 8.35
CA VAL B 141 -8.68 18.16 9.79
C VAL B 141 -8.22 19.58 10.07
N VAL B 142 -8.90 20.23 11.00
CA VAL B 142 -8.54 21.57 11.44
C VAL B 142 -7.73 21.48 12.73
N SER B 143 -8.38 20.99 13.77
CA SER B 143 -7.76 20.90 15.09
C SER B 143 -8.20 19.64 15.84
N TRP B 144 -7.44 19.30 16.87
CA TRP B 144 -7.78 18.24 17.82
C TRP B 144 -8.12 18.91 19.14
N GLN B 145 -8.45 18.12 20.16
CA GLN B 145 -8.82 18.72 21.44
C GLN B 145 -9.11 17.67 22.53
N ASP B 146 -9.10 18.14 23.77
CA ASP B 146 -9.30 17.30 24.95
C ASP B 146 -10.77 16.94 25.13
N GLU B 147 -11.07 16.19 26.18
CA GLU B 147 -12.44 15.84 26.50
C GLU B 147 -13.20 17.10 26.88
N GLU B 148 -12.51 18.00 27.57
CA GLU B 148 -13.10 19.24 28.03
C GLU B 148 -12.88 20.38 27.05
N GLY B 149 -12.23 20.07 25.93
CA GLY B 149 -12.06 21.04 24.86
C GLY B 149 -10.64 21.57 24.67
N GLN B 150 -9.76 21.31 25.64
CA GLN B 150 -8.39 21.78 25.54
C GLN B 150 -7.68 21.24 24.31
N LEU B 151 -7.10 22.16 23.53
CA LEU B 151 -6.50 21.80 22.25
C LEU B 151 -5.14 21.15 22.44
N TYR B 152 -4.93 20.03 21.76
CA TYR B 152 -3.62 19.41 21.73
C TYR B 152 -2.75 20.13 20.70
N GLY B 153 -3.38 20.59 19.63
CA GLY B 153 -2.68 21.35 18.62
C GLY B 153 -3.61 21.70 17.49
N SER B 154 -3.23 22.70 16.70
CA SER B 154 -4.02 23.10 15.55
C SER B 154 -3.21 22.87 14.27
N LEU B 155 -3.80 22.14 13.32
CA LEU B 155 -3.15 21.82 12.04
C LEU B 155 -2.87 23.05 11.20
N GLY B 156 -1.66 23.13 10.66
CA GLY B 156 -1.30 24.20 9.76
C GLY B 156 -0.89 25.48 10.46
N ASP B 157 -1.20 25.60 11.75
CA ASP B 157 -0.84 26.82 12.49
C ASP B 157 0.49 26.67 13.22
N GLN B 158 1.49 27.37 12.69
CA GLN B 158 2.85 27.36 13.21
C GLN B 158 3.36 25.92 13.40
N GLN B 159 4.12 25.68 14.47
CA GLN B 159 4.62 24.33 14.74
C GLN B 159 5.61 24.23 15.89
N GLY B 160 5.86 22.99 16.30
CA GLY B 160 7.13 22.59 16.90
C GLY B 160 7.17 21.08 16.88
N THR B 161 8.37 20.52 16.74
CA THR B 161 8.51 19.07 16.59
C THR B 161 8.90 18.30 17.85
N ASP B 162 9.34 19.01 18.89
CA ASP B 162 9.93 18.34 20.05
C ASP B 162 8.95 18.10 21.19
N GLY B 163 7.74 18.65 21.10
CA GLY B 163 6.75 18.46 22.14
C GLY B 163 6.20 17.05 22.11
N LYS B 164 5.53 16.66 23.19
CA LYS B 164 4.85 15.37 23.24
C LYS B 164 3.87 15.27 22.08
N TYR B 165 2.89 16.16 22.09
CA TYR B 165 1.85 16.18 21.05
C TYR B 165 2.21 17.10 19.88
N LEU B 166 2.12 16.56 18.67
CA LEU B 166 2.19 17.36 17.46
C LEU B 166 1.20 16.84 16.43
N VAL B 167 0.41 17.73 15.85
CA VAL B 167 -0.50 17.36 14.78
C VAL B 167 0.25 17.47 13.46
N LEU B 168 0.20 16.42 12.65
CA LEU B 168 0.96 16.38 11.40
C LEU B 168 0.21 17.09 10.28
N PRO B 169 0.93 17.50 9.23
CA PRO B 169 0.31 18.05 8.02
C PRO B 169 -0.82 17.19 7.48
N SER B 170 -0.69 15.88 7.64
CA SER B 170 -1.72 14.94 7.17
C SER B 170 -2.99 15.04 8.02
N GLY B 171 -2.91 15.73 9.15
CA GLY B 171 -4.06 15.96 10.00
C GLY B 171 -4.11 15.05 11.21
N GLU B 172 -3.28 14.02 11.21
CA GLU B 172 -3.26 13.05 12.30
C GLU B 172 -2.61 13.66 13.54
N LEU B 173 -2.86 13.04 14.70
CA LEU B 173 -2.29 13.46 15.97
C LEU B 173 -1.22 12.47 16.42
N HIS B 174 0.01 12.95 16.57
CA HIS B 174 1.13 12.11 17.01
C HIS B 174 1.40 12.27 18.49
N ILE B 175 1.59 11.15 19.18
CA ILE B 175 1.97 11.15 20.58
C ILE B 175 3.26 10.36 20.75
N ARG B 176 4.25 10.97 21.38
CA ARG B 176 5.55 10.34 21.60
C ARG B 176 5.57 9.56 22.90
N GLU B 177 6.11 8.35 22.82
CA GLU B 177 6.28 7.45 23.97
C GLU B 177 5.07 7.45 24.91
N VAL B 178 3.98 6.86 24.42
CA VAL B 178 2.74 6.76 25.18
C VAL B 178 2.97 6.05 26.51
N GLY B 179 2.17 6.42 27.52
CA GLY B 179 2.32 5.87 28.85
C GLY B 179 0.99 5.73 29.57
N PRO B 180 1.00 5.10 30.76
CA PRO B 180 -0.19 4.73 31.54
C PRO B 180 -1.20 5.86 31.74
N GLU B 181 -0.71 7.06 32.02
CA GLU B 181 -1.59 8.19 32.33
C GLU B 181 -2.44 8.58 31.12
N ASP B 182 -1.94 8.29 29.92
CA ASP B 182 -2.61 8.70 28.69
C ASP B 182 -3.88 7.90 28.42
N GLY B 183 -4.00 6.74 29.06
CA GLY B 183 -5.14 5.88 28.83
C GLY B 183 -6.45 6.45 29.34
N TYR B 184 -6.36 7.38 30.29
CA TYR B 184 -7.54 7.96 30.91
C TYR B 184 -8.09 9.14 30.11
N LYS B 185 -7.35 9.56 29.07
CA LYS B 185 -7.70 10.75 28.30
C LYS B 185 -8.27 10.39 26.93
N SER B 186 -9.20 11.23 26.47
CA SER B 186 -9.84 11.05 25.17
C SER B 186 -9.30 12.06 24.16
N TYR B 187 -9.23 11.65 22.90
CA TYR B 187 -8.69 12.49 21.83
C TYR B 187 -9.74 12.66 20.74
N GLN B 188 -10.02 13.93 20.44
CA GLN B 188 -11.24 14.31 19.74
C GLN B 188 -10.97 15.37 18.68
N CYS B 189 -11.35 15.09 17.44
CA CYS B 189 -11.00 15.93 16.29
C CYS B 189 -12.17 16.76 15.76
N ARG B 190 -11.85 17.94 15.25
CA ARG B 190 -12.81 18.80 14.56
C ARG B 190 -12.37 18.94 13.11
N THR B 191 -13.32 18.85 12.18
CA THR B 191 -13.03 18.89 10.75
C THR B 191 -13.79 20.04 10.08
N LYS B 192 -13.33 20.44 8.89
CA LYS B 192 -13.92 21.54 8.15
C LYS B 192 -14.14 21.20 6.68
N HIS B 193 -15.39 21.24 6.25
CA HIS B 193 -15.72 21.15 4.83
C HIS B 193 -15.39 22.50 4.21
N ARG B 194 -14.48 22.51 3.25
CA ARG B 194 -13.93 23.79 2.78
C ARG B 194 -14.87 24.50 1.83
N LEU B 195 -15.83 23.78 1.26
CA LEU B 195 -16.81 24.37 0.37
C LEU B 195 -17.93 25.09 1.12
N THR B 196 -18.41 24.45 2.19
CA THR B 196 -19.48 25.04 2.99
C THR B 196 -18.95 25.88 4.14
N GLY B 197 -17.65 25.81 4.38
CA GLY B 197 -17.02 26.58 5.44
C GLY B 197 -17.49 26.22 6.83
N GLU B 198 -18.25 25.13 6.95
CA GLU B 198 -18.80 24.70 8.23
C GLU B 198 -17.90 23.67 8.90
N THR B 199 -17.71 23.83 10.20
CA THR B 199 -16.94 22.88 11.00
C THR B 199 -17.84 22.09 11.94
N ARG B 200 -17.60 20.78 12.00
CA ARG B 200 -18.34 19.91 12.91
C ARG B 200 -17.40 19.00 13.67
N LEU B 201 -17.79 18.67 14.89
CA LEU B 201 -17.04 17.76 15.76
C LEU B 201 -17.41 16.31 15.48
N SER B 202 -16.42 15.43 15.52
CA SER B 202 -16.62 14.00 15.33
C SER B 202 -17.65 13.41 16.30
N ALA B 203 -18.40 12.42 15.82
CA ALA B 203 -19.49 11.83 16.59
C ALA B 203 -19.01 10.99 17.76
N THR B 204 -17.79 10.45 17.66
CA THR B 204 -17.25 9.59 18.69
C THR B 204 -15.87 10.05 19.15
N LYS B 205 -15.43 9.52 20.29
CA LYS B 205 -14.18 9.92 20.92
C LYS B 205 -13.22 8.73 21.01
N GLY B 206 -12.03 8.90 20.46
CA GLY B 206 -11.01 7.87 20.50
C GLY B 206 -10.29 7.84 21.83
N ARG B 207 -9.94 6.65 22.29
CA ARG B 207 -9.22 6.48 23.54
C ARG B 207 -8.00 5.57 23.31
N LEU B 208 -6.89 5.93 23.92
CA LEU B 208 -5.69 5.10 23.84
C LEU B 208 -5.81 3.94 24.83
N VAL B 209 -5.66 2.73 24.30
CA VAL B 209 -5.70 1.51 25.12
C VAL B 209 -4.29 0.94 25.20
N ILE B 210 -3.71 1.01 26.39
CA ILE B 210 -2.30 0.69 26.58
C ILE B 210 -2.10 -0.71 27.13
N THR B 211 -1.22 -1.46 26.48
CA THR B 211 -0.81 -2.78 26.98
C THR B 211 0.58 -2.67 27.59
N GLU B 212 0.79 -3.36 28.72
CA GLU B 212 2.08 -3.33 29.40
C GLU B 212 3.00 -4.42 28.84
N PRO B 213 4.18 -4.04 28.33
CA PRO B 213 5.06 -5.06 27.77
C PRO B 213 5.66 -5.97 28.85
N VAL B 214 5.64 -7.28 28.61
CA VAL B 214 6.31 -8.23 29.49
C VAL B 214 7.44 -8.91 28.71
N GLY B 215 7.10 -9.57 27.61
CA GLY B 215 8.08 -10.26 26.80
C GLY B 215 8.46 -9.42 25.59
N SER B 216 9.55 -9.80 24.93
CA SER B 216 10.03 -9.05 23.77
C SER B 216 9.17 -9.36 22.55
N VAL B 217 9.08 -8.39 21.64
CA VAL B 217 8.31 -8.54 20.41
C VAL B 217 9.07 -7.94 19.23
N SER B 218 9.19 -8.71 18.16
CA SER B 218 9.80 -8.23 16.92
C SER B 218 8.99 -7.04 16.40
N PRO B 219 9.60 -6.17 15.59
CA PRO B 219 8.83 -5.06 15.00
C PRO B 219 7.59 -5.55 14.25
N GLN B 220 6.44 -4.95 14.55
CA GLN B 220 5.16 -5.36 13.98
C GLN B 220 4.56 -4.27 13.10
N LEU B 221 3.92 -4.70 12.01
CA LEU B 221 3.30 -3.79 11.04
C LEU B 221 1.85 -3.50 11.41
N SER B 222 1.19 -2.68 10.61
CA SER B 222 -0.24 -2.42 10.79
C SER B 222 -1.07 -3.52 10.13
N GLY B 223 -0.42 -4.29 9.26
CA GLY B 223 -1.07 -5.41 8.60
C GLY B 223 -0.80 -6.70 9.34
N ASN B 224 -1.63 -7.70 9.09
CA ASN B 224 -1.43 -9.04 9.62
C ASN B 224 -1.12 -10.00 8.48
N GLY B 225 0.15 -10.38 8.31
CA GLY B 225 0.47 -11.17 7.15
C GLY B 225 1.80 -11.03 6.44
N ASN B 226 1.83 -11.36 5.14
CA ASN B 226 0.64 -11.54 4.28
C ASN B 226 -0.26 -10.30 4.17
N GLN B 227 0.09 -9.39 3.27
CA GLN B 227 -0.22 -7.95 3.33
C GLN B 227 0.63 -7.05 4.21
N GLU B 228 1.88 -6.81 3.77
CA GLU B 228 2.55 -5.57 4.11
C GLU B 228 1.94 -4.48 3.22
N HIS B 229 2.44 -3.24 3.33
CA HIS B 229 1.84 -2.07 2.70
C HIS B 229 2.83 -1.10 2.10
N ILE B 230 2.63 -0.83 0.81
CA ILE B 230 3.26 0.28 0.09
C ILE B 230 2.31 1.47 0.12
N THR B 231 2.86 2.67 0.22
CA THR B 231 2.06 3.89 0.17
C THR B 231 2.59 4.84 -0.89
N LEU B 232 1.75 5.15 -1.88
CA LEU B 232 2.11 6.13 -2.89
C LEU B 232 1.45 7.46 -2.55
N THR B 233 2.27 8.39 -2.09
CA THR B 233 1.79 9.73 -1.73
C THR B 233 2.27 10.73 -2.76
N ARG B 234 1.90 11.99 -2.55
CA ARG B 234 2.43 13.11 -3.32
C ARG B 234 1.85 14.40 -2.79
N VAL B 235 2.54 15.51 -3.04
CA VAL B 235 2.17 16.80 -2.46
C VAL B 235 2.55 17.94 -3.39
N PRO B 236 1.80 19.06 -3.33
CA PRO B 236 2.14 20.22 -4.16
C PRO B 236 3.46 20.89 -3.73
N LYS B 237 4.12 21.54 -4.66
CA LYS B 237 5.41 22.18 -4.39
C LYS B 237 5.28 23.24 -3.31
N MET B 238 6.30 23.35 -2.48
CA MET B 238 6.33 24.30 -1.36
C MET B 238 5.17 24.07 -0.39
N GLY B 239 4.65 22.86 -0.36
CA GLY B 239 3.70 22.44 0.65
C GLY B 239 4.45 21.77 1.78
N SER B 240 3.75 20.98 2.57
CA SER B 240 4.38 20.17 3.60
C SER B 240 3.85 18.74 3.55
N VAL B 241 4.72 17.80 3.21
CA VAL B 241 4.34 16.39 3.12
C VAL B 241 4.58 15.73 4.47
N THR B 242 4.17 14.47 4.59
CA THR B 242 4.48 13.67 5.76
C THR B 242 4.71 12.21 5.34
N LEU B 243 5.82 11.62 5.79
CA LEU B 243 6.05 10.20 5.59
C LEU B 243 5.68 9.45 6.85
N MET B 244 5.74 8.12 6.80
CA MET B 244 5.18 7.32 7.88
C MET B 244 5.74 5.91 7.94
N CYS B 245 5.50 5.27 9.08
CA CYS B 245 5.53 3.81 9.19
C CYS B 245 5.08 3.42 10.61
N PRO B 246 4.19 2.43 10.72
CA PRO B 246 3.54 2.10 12.00
C PRO B 246 4.19 0.96 12.76
N ALA B 247 5.38 1.17 13.30
CA ALA B 247 6.07 0.09 14.02
C ALA B 247 5.59 0.04 15.47
N GLN B 248 5.30 -1.17 15.94
CA GLN B 248 4.93 -1.41 17.32
C GLN B 248 5.72 -2.61 17.86
N ALA B 249 6.56 -2.37 18.86
CA ALA B 249 7.37 -3.43 19.42
C ALA B 249 7.87 -3.13 20.83
N TYR B 250 8.55 -4.12 21.41
CA TYR B 250 9.29 -3.93 22.66
C TYR B 250 10.61 -4.70 22.56
N PRO B 251 11.72 -4.11 23.03
CA PRO B 251 11.88 -2.73 23.51
C PRO B 251 11.66 -1.75 22.37
N VAL B 252 11.48 -0.47 22.70
CA VAL B 252 11.17 0.55 21.70
C VAL B 252 12.24 0.57 20.60
N PRO B 253 11.85 0.28 19.35
CA PRO B 253 12.84 0.24 18.26
C PRO B 253 13.26 1.62 17.79
N PHE B 254 14.40 1.71 17.10
CA PHE B 254 14.85 2.97 16.53
C PHE B 254 14.58 3.00 15.03
N PHE B 255 14.26 4.18 14.51
CA PHE B 255 13.89 4.35 13.11
C PHE B 255 14.95 5.11 12.33
N ARG B 256 15.58 4.44 11.37
CA ARG B 256 16.54 5.07 10.49
C ARG B 256 15.93 5.23 9.10
N TRP B 257 15.67 6.48 8.71
CA TRP B 257 15.11 6.76 7.40
C TRP B 257 16.20 6.83 6.34
N TYR B 258 16.06 6.00 5.31
CA TYR B 258 16.97 6.03 4.16
C TYR B 258 16.20 6.46 2.92
N LYS B 259 16.91 6.60 1.80
CA LYS B 259 16.29 6.97 0.53
C LYS B 259 16.94 6.22 -0.63
N PHE B 260 16.13 5.57 -1.45
CA PHE B 260 16.62 4.96 -2.68
C PHE B 260 16.97 6.06 -3.66
N ILE B 261 18.20 6.06 -4.14
CA ILE B 261 18.63 7.05 -5.12
C ILE B 261 18.00 6.66 -6.47
N GLU B 262 18.21 7.50 -7.48
CA GLU B 262 17.70 7.22 -8.83
C GLU B 262 18.13 5.84 -9.31
N GLY B 263 17.25 5.17 -10.06
CA GLY B 263 17.64 3.92 -10.68
C GLY B 263 17.90 2.83 -9.68
N THR B 264 19.15 2.37 -9.67
CA THR B 264 19.56 1.19 -8.92
C THR B 264 19.29 1.33 -7.42
N THR B 265 19.29 0.19 -6.74
CA THR B 265 18.73 0.07 -5.40
C THR B 265 19.65 0.62 -4.31
N ARG B 266 20.78 1.20 -4.71
CA ARG B 266 21.75 1.73 -3.75
C ARG B 266 21.07 2.68 -2.77
N LYS B 267 21.22 2.38 -1.48
CA LYS B 267 20.59 3.15 -0.42
C LYS B 267 21.40 4.40 -0.05
N GLN B 268 20.71 5.40 0.50
CA GLN B 268 21.36 6.60 1.03
C GLN B 268 20.63 7.08 2.27
N ALA B 269 21.39 7.52 3.28
CA ALA B 269 20.80 7.99 4.52
C ALA B 269 20.13 9.35 4.32
N VAL B 270 19.10 9.62 5.10
CA VAL B 270 18.36 10.87 5.03
C VAL B 270 18.90 11.86 6.05
N VAL B 271 19.21 13.07 5.58
CA VAL B 271 19.71 14.13 6.45
C VAL B 271 18.56 14.78 7.21
N LEU B 272 18.80 15.10 8.48
CA LEU B 272 17.85 15.90 9.26
C LEU B 272 18.45 17.28 9.51
N ASN B 273 17.91 18.27 8.81
CA ASN B 273 18.33 19.65 8.97
C ASN B 273 17.25 20.46 9.69
N ASP B 274 17.46 21.77 9.78
CA ASP B 274 16.48 22.66 10.38
C ASP B 274 15.11 22.50 9.72
N ARG B 275 15.11 22.11 8.45
CA ARG B 275 13.87 21.86 7.71
C ARG B 275 13.33 20.46 7.98
N VAL B 276 13.99 19.46 7.41
CA VAL B 276 13.54 18.08 7.54
C VAL B 276 13.73 17.59 8.97
N LYS B 277 12.65 17.14 9.58
CA LYS B 277 12.68 16.67 10.97
C LYS B 277 12.13 15.26 11.08
N GLN B 278 12.68 14.48 12.00
CA GLN B 278 12.21 13.14 12.29
C GLN B 278 11.90 13.01 13.78
N VAL B 279 10.63 12.80 14.11
CA VAL B 279 10.24 12.55 15.49
C VAL B 279 9.74 11.12 15.60
N SER B 280 10.30 10.38 16.56
CA SER B 280 10.01 8.96 16.71
C SER B 280 10.24 8.24 15.37
N GLY B 281 9.21 7.62 14.83
CA GLY B 281 9.30 6.87 13.59
C GLY B 281 8.66 7.51 12.37
N THR B 282 8.40 8.82 12.43
CA THR B 282 7.68 9.50 11.36
C THR B 282 8.46 10.70 10.83
N LEU B 283 8.86 10.62 9.56
CA LEU B 283 9.61 11.69 8.91
C LEU B 283 8.68 12.80 8.40
N ILE B 284 9.20 14.03 8.39
CA ILE B 284 8.46 15.19 7.88
C ILE B 284 9.36 16.05 6.99
N ILE B 285 8.78 16.56 5.89
CA ILE B 285 9.48 17.50 5.01
C ILE B 285 8.61 18.73 4.79
N LYS B 286 9.10 19.87 5.27
CA LYS B 286 8.40 21.15 5.09
C LYS B 286 8.96 21.85 3.86
N ASP B 287 8.08 22.52 3.12
CA ASP B 287 8.48 23.26 1.91
C ASP B 287 9.16 22.32 0.94
N ALA B 288 8.41 21.35 0.44
CA ALA B 288 8.96 20.28 -0.39
C ALA B 288 9.33 20.77 -1.79
N VAL B 289 10.21 20.02 -2.44
CA VAL B 289 10.61 20.31 -3.81
C VAL B 289 10.56 19.03 -4.65
N VAL B 290 10.66 19.17 -5.96
CA VAL B 290 10.53 18.05 -6.87
C VAL B 290 11.63 17.01 -6.67
N GLU B 291 12.80 17.48 -6.26
CA GLU B 291 13.96 16.60 -6.11
C GLU B 291 13.85 15.68 -4.89
N ASP B 292 12.81 15.90 -4.09
CA ASP B 292 12.59 15.06 -2.91
C ASP B 292 11.88 13.77 -3.29
N SER B 293 11.61 13.59 -4.58
CA SER B 293 10.94 12.40 -5.06
C SER B 293 11.86 11.19 -5.02
N GLY B 294 11.35 10.05 -5.47
CA GLY B 294 12.09 8.80 -5.43
C GLY B 294 11.57 7.91 -4.32
N LYS B 295 11.90 6.63 -4.38
CA LYS B 295 11.41 5.66 -3.40
C LYS B 295 12.14 5.90 -2.08
N TYR B 296 11.37 6.02 -1.00
CA TYR B 296 11.96 6.15 0.33
C TYR B 296 11.94 4.80 1.04
N LEU B 297 12.57 4.76 2.21
CA LEU B 297 12.55 3.58 3.06
C LEU B 297 12.76 3.98 4.51
N CYS B 298 12.07 3.31 5.44
CA CYS B 298 12.37 3.45 6.86
C CYS B 298 12.59 2.06 7.42
N VAL B 299 13.83 1.79 7.81
CA VAL B 299 14.21 0.52 8.39
C VAL B 299 14.03 0.59 9.89
N VAL B 300 13.20 -0.30 10.44
CA VAL B 300 13.05 -0.38 11.88
C VAL B 300 13.72 -1.65 12.38
N ASN B 301 14.92 -1.49 12.93
CA ASN B 301 15.61 -2.55 13.64
C ASN B 301 15.17 -2.58 15.11
N ASN B 302 15.27 -3.75 15.73
CA ASN B 302 14.99 -3.89 17.16
C ASN B 302 15.93 -4.92 17.78
N SER B 303 16.00 -4.92 19.10
CA SER B 303 16.83 -5.88 19.83
C SER B 303 16.52 -7.32 19.40
N VAL B 304 15.24 -7.59 19.18
CA VAL B 304 14.82 -8.92 18.75
C VAL B 304 15.03 -9.13 17.25
N GLY B 305 14.68 -8.13 16.46
CA GLY B 305 14.78 -8.25 15.01
C GLY B 305 14.53 -6.93 14.31
N GLY B 306 14.29 -6.98 13.00
CA GLY B 306 14.09 -5.77 12.21
C GLY B 306 13.18 -5.98 11.02
N GLU B 307 12.64 -4.88 10.50
CA GLU B 307 11.71 -4.91 9.37
C GLU B 307 11.73 -3.56 8.65
N SER B 308 11.27 -3.54 7.41
CA SER B 308 11.30 -2.33 6.59
C SER B 308 10.03 -2.15 5.76
N VAL B 309 9.53 -0.91 5.71
CA VAL B 309 8.37 -0.55 4.90
C VAL B 309 8.69 0.62 3.97
N GLU B 310 8.10 0.60 2.78
CA GLU B 310 8.49 1.51 1.71
C GLU B 310 7.40 2.52 1.34
N THR B 311 7.84 3.71 0.94
CA THR B 311 6.96 4.75 0.43
C THR B 311 7.67 5.49 -0.71
N VAL B 312 6.93 5.88 -1.74
CA VAL B 312 7.50 6.62 -2.86
C VAL B 312 6.83 7.98 -3.01
N LEU B 313 7.65 9.03 -2.89
CA LEU B 313 7.15 10.41 -2.93
C LEU B 313 7.30 11.03 -4.32
N THR B 314 6.32 11.81 -4.72
CA THR B 314 6.41 12.64 -5.92
C THR B 314 5.83 14.04 -5.66
N VAL B 315 6.66 15.07 -5.80
CA VAL B 315 6.21 16.45 -5.57
C VAL B 315 5.90 17.11 -6.90
N THR B 316 4.71 17.71 -6.98
CA THR B 316 4.20 18.29 -8.22
C THR B 316 4.49 19.78 -8.34
N ALA B 317 4.78 20.22 -9.56
CA ALA B 317 4.90 21.64 -9.87
C ALA B 317 3.85 22.01 -10.92
N PRO B 318 3.30 23.23 -10.84
CA PRO B 318 2.27 23.64 -11.80
C PRO B 318 2.70 23.47 -13.26
N LEU B 319 1.76 23.09 -14.12
CA LEU B 319 2.05 22.85 -15.52
C LEU B 319 1.83 24.08 -16.38
N SER B 320 2.70 24.27 -17.36
CA SER B 320 2.53 25.29 -18.39
C SER B 320 3.22 24.83 -19.66
N ALA B 321 3.09 25.61 -20.73
CA ALA B 321 3.81 25.33 -21.96
C ALA B 321 3.94 26.58 -22.81
N LYS B 322 4.93 26.58 -23.69
CA LYS B 322 5.10 27.63 -24.67
C LYS B 322 5.67 27.02 -25.95
N ILE B 323 5.08 27.39 -27.07
CA ILE B 323 5.52 26.91 -28.37
C ILE B 323 6.25 27.99 -29.14
N ASP B 324 7.46 27.70 -29.61
CA ASP B 324 8.21 28.62 -30.45
C ASP B 324 8.53 27.98 -31.81
N PRO B 325 8.57 28.80 -32.89
CA PRO B 325 8.27 30.23 -32.92
C PRO B 325 6.78 30.51 -32.69
N PRO B 326 6.44 31.68 -32.11
CA PRO B 326 5.02 31.97 -31.86
C PRO B 326 4.21 31.91 -33.14
N THR B 327 4.72 32.55 -34.18
CA THR B 327 4.15 32.43 -35.52
C THR B 327 5.27 32.30 -36.55
N GLN B 328 5.29 31.16 -37.24
CA GLN B 328 6.25 30.96 -38.33
C GLN B 328 5.70 31.57 -39.61
N THR B 329 6.61 32.08 -40.44
CA THR B 329 6.28 32.36 -41.83
C THR B 329 7.10 31.40 -42.67
N VAL B 330 6.43 30.41 -43.24
CA VAL B 330 7.11 29.38 -44.02
C VAL B 330 6.95 29.69 -45.51
N ASP B 331 8.03 29.53 -46.26
CA ASP B 331 7.97 29.64 -47.71
C ASP B 331 7.34 28.37 -48.25
N PHE B 332 7.28 28.22 -49.56
CA PHE B 332 6.63 27.06 -50.14
C PHE B 332 7.64 25.93 -50.35
N GLY B 333 7.47 24.85 -49.59
CA GLY B 333 8.25 23.64 -49.74
C GLY B 333 9.26 23.40 -48.64
N ARG B 334 9.55 24.43 -47.83
CA ARG B 334 10.56 24.32 -46.79
C ARG B 334 9.98 23.71 -45.51
N PRO B 335 10.67 22.71 -44.93
CA PRO B 335 10.20 22.17 -43.64
C PRO B 335 10.22 23.24 -42.55
N ALA B 336 9.11 23.37 -41.83
CA ALA B 336 8.99 24.37 -40.78
C ALA B 336 8.17 23.82 -39.62
N VAL B 337 8.66 24.02 -38.39
CA VAL B 337 8.06 23.36 -37.23
C VAL B 337 8.20 24.11 -35.93
N PHE B 338 7.28 23.81 -35.02
CA PHE B 338 7.33 24.29 -33.66
C PHE B 338 7.84 23.22 -32.70
N THR B 339 8.85 23.57 -31.92
CA THR B 339 9.29 22.76 -30.80
C THR B 339 8.52 23.20 -29.55
N CYS B 340 8.16 22.25 -28.70
CA CYS B 340 7.39 22.55 -27.50
C CYS B 340 8.31 22.59 -26.27
N GLN B 341 8.52 23.80 -25.76
CA GLN B 341 9.29 24.00 -24.54
C GLN B 341 8.32 24.26 -23.40
N TYR B 342 8.66 23.79 -22.20
CA TYR B 342 7.75 23.92 -21.06
C TYR B 342 8.44 23.76 -19.72
N THR B 343 7.66 23.91 -18.65
CA THR B 343 8.13 23.69 -17.30
C THR B 343 6.97 23.19 -16.43
N GLY B 344 7.28 22.28 -15.51
CA GLY B 344 6.28 21.74 -14.61
C GLY B 344 6.58 20.31 -14.24
N ASN B 345 5.65 19.66 -13.55
CA ASN B 345 5.83 18.28 -13.11
C ASN B 345 4.60 17.73 -12.39
N PRO B 346 4.24 16.46 -12.64
CA PRO B 346 4.87 15.52 -13.57
C PRO B 346 4.30 15.64 -14.98
N ILE B 347 4.88 14.89 -15.92
CA ILE B 347 4.34 14.82 -17.28
C ILE B 347 4.24 13.36 -17.70
N LYS B 348 3.01 12.85 -17.82
CA LYS B 348 2.82 11.50 -18.34
C LYS B 348 2.79 11.47 -19.86
N THR B 349 2.09 12.44 -20.45
CA THR B 349 1.86 12.47 -21.90
C THR B 349 1.84 13.88 -22.45
N VAL B 350 2.15 13.98 -23.75
CA VAL B 350 2.05 15.23 -24.49
C VAL B 350 1.51 14.93 -25.88
N SER B 351 0.50 15.70 -26.30
CA SER B 351 -0.12 15.52 -27.61
C SER B 351 -0.18 16.85 -28.36
N TRP B 352 -0.72 16.79 -29.58
CA TRP B 352 -0.80 17.96 -30.44
C TRP B 352 -2.13 18.01 -31.18
N MET B 353 -2.41 19.18 -31.78
CA MET B 353 -3.62 19.37 -32.56
C MET B 353 -3.36 20.37 -33.69
N LYS B 354 -4.01 20.13 -34.84
CA LYS B 354 -3.96 21.07 -35.96
C LYS B 354 -5.29 21.82 -36.05
N ASP B 355 -5.25 23.10 -35.70
CA ASP B 355 -6.43 23.98 -35.62
C ASP B 355 -7.65 23.26 -35.03
N GLY B 356 -7.54 22.89 -33.75
CA GLY B 356 -8.67 22.34 -33.02
C GLY B 356 -8.84 20.84 -33.13
N LYS B 357 -8.27 20.24 -34.16
CA LYS B 357 -8.42 18.81 -34.41
C LYS B 357 -7.16 18.03 -34.04
N ALA B 358 -7.36 16.85 -33.45
CA ALA B 358 -6.26 16.06 -32.94
C ALA B 358 -5.61 15.20 -34.03
N ILE B 359 -4.28 15.14 -33.98
CA ILE B 359 -3.48 14.31 -34.89
C ILE B 359 -3.14 12.98 -34.21
N GLY B 360 -2.49 13.04 -33.05
CA GLY B 360 -2.02 11.86 -32.35
C GLY B 360 -0.51 11.68 -32.34
N HIS B 361 0.22 12.71 -32.75
CA HIS B 361 1.66 12.73 -32.58
C HIS B 361 2.00 12.71 -31.08
N SER B 362 3.18 12.20 -30.72
CA SER B 362 3.54 11.99 -29.32
C SER B 362 4.63 12.93 -28.82
N GLU B 363 5.86 12.68 -29.22
CA GLU B 363 7.01 13.48 -28.77
C GLU B 363 6.82 14.95 -29.14
N PRO B 364 7.45 15.86 -28.37
CA PRO B 364 7.13 17.27 -28.58
C PRO B 364 7.93 17.94 -29.72
N VAL B 365 8.01 17.27 -30.87
CA VAL B 365 8.44 17.90 -32.11
C VAL B 365 7.67 17.26 -33.27
N LEU B 366 7.13 18.08 -34.17
CA LEU B 366 6.13 17.64 -35.15
C LEU B 366 6.59 17.32 -36.58
N ARG B 367 7.89 17.32 -36.85
CA ARG B 367 8.38 17.60 -38.20
C ARG B 367 7.74 16.88 -39.38
N ILE B 368 7.31 17.71 -40.32
CA ILE B 368 6.77 17.32 -41.61
C ILE B 368 7.84 17.57 -42.66
N GLU B 369 7.88 16.72 -43.68
CA GLU B 369 8.96 16.77 -44.66
C GLU B 369 8.82 17.95 -45.64
N SER B 370 7.61 18.48 -45.75
CA SER B 370 7.35 19.72 -46.49
C SER B 370 5.89 20.13 -46.39
N VAL B 371 5.62 21.40 -46.65
CA VAL B 371 4.28 21.97 -46.51
C VAL B 371 3.39 21.68 -47.71
N LYS B 372 2.07 21.74 -47.48
CA LYS B 372 1.10 21.64 -48.56
C LYS B 372 -0.04 22.64 -48.35
N LYS B 373 -1.08 22.48 -49.16
CA LYS B 373 -2.31 23.26 -49.05
C LYS B 373 -2.85 23.33 -47.62
N GLU B 374 -3.24 22.19 -47.07
CA GLU B 374 -3.96 22.14 -45.80
C GLU B 374 -3.11 22.50 -44.59
N ASP B 375 -1.79 22.39 -44.73
CA ASP B 375 -0.89 22.57 -43.58
C ASP B 375 -1.08 23.90 -42.87
N LYS B 376 -1.46 24.93 -43.62
CA LYS B 376 -1.73 26.25 -43.06
C LYS B 376 -2.80 26.16 -41.96
N GLY B 377 -2.55 26.81 -40.82
CA GLY B 377 -3.49 26.82 -39.72
C GLY B 377 -2.89 27.05 -38.35
N MET B 378 -3.60 26.57 -37.33
CA MET B 378 -3.20 26.72 -35.93
C MET B 378 -2.67 25.41 -35.38
N TYR B 379 -1.74 25.51 -34.43
CA TYR B 379 -1.22 24.32 -33.74
C TYR B 379 -1.14 24.53 -32.23
N GLN B 380 -1.19 23.42 -31.49
CA GLN B 380 -1.19 23.47 -30.03
C GLN B 380 -0.45 22.28 -29.43
N CYS B 381 0.23 22.53 -28.31
CA CYS B 381 0.93 21.51 -27.55
C CYS B 381 0.27 21.36 -26.19
N PHE B 382 -0.41 20.25 -25.98
CA PHE B 382 -1.12 20.00 -24.72
C PHE B 382 -0.37 19.01 -23.85
N VAL B 383 0.20 19.53 -22.75
CA VAL B 383 0.82 18.68 -21.73
C VAL B 383 -0.24 18.28 -20.73
N ARG B 384 -0.30 17.00 -20.39
CA ARG B 384 -1.36 16.49 -19.53
C ARG B 384 -0.85 15.45 -18.54
N ASN B 385 -1.45 15.44 -17.36
CA ASN B 385 -1.18 14.43 -16.35
C ASN B 385 -2.45 14.12 -15.60
N ASP B 386 -2.34 13.38 -14.50
CA ASP B 386 -3.51 12.98 -13.73
C ASP B 386 -4.35 14.16 -13.26
N GLN B 387 -3.74 15.08 -12.52
CA GLN B 387 -4.49 16.14 -11.86
C GLN B 387 -4.77 17.39 -12.70
N GLU B 388 -4.04 17.58 -13.80
CA GLU B 388 -4.20 18.81 -14.57
C GLU B 388 -3.51 18.78 -15.93
N SER B 389 -3.66 19.89 -16.66
CA SER B 389 -3.05 20.06 -17.97
C SER B 389 -2.91 21.54 -18.30
N ALA B 390 -2.01 21.86 -19.23
CA ALA B 390 -1.82 23.23 -19.69
C ALA B 390 -1.58 23.22 -21.20
N GLU B 391 -1.37 24.38 -21.79
CA GLU B 391 -1.26 24.45 -23.24
C GLU B 391 -0.59 25.72 -23.77
N ALA B 392 -0.45 25.77 -25.09
CA ALA B 392 0.09 26.91 -25.81
C ALA B 392 -0.39 26.84 -27.24
N SER B 393 -0.33 27.97 -27.95
CA SER B 393 -0.83 28.03 -29.33
C SER B 393 0.19 28.66 -30.27
N ALA B 394 0.10 28.29 -31.55
CA ALA B 394 1.02 28.81 -32.56
C ALA B 394 0.40 28.71 -33.97
N GLU B 395 0.99 29.44 -34.91
CA GLU B 395 0.49 29.50 -36.29
C GLU B 395 1.61 29.50 -37.30
N LEU B 396 1.34 28.97 -38.49
CA LEU B 396 2.21 29.15 -39.64
C LEU B 396 1.40 29.79 -40.76
N LYS B 397 2.09 30.49 -41.66
CA LYS B 397 1.44 31.12 -42.79
C LYS B 397 2.24 30.90 -44.08
N LEU B 398 1.61 30.27 -45.06
CA LEU B 398 2.26 29.99 -46.33
C LEU B 398 2.63 31.28 -47.06
N GLY B 399 3.79 31.26 -47.72
CA GLY B 399 4.27 32.43 -48.44
C GLY B 399 5.50 32.12 -49.26
#